data_5K4L
#
_entry.id   5K4L
#
_cell.length_a   159.141
_cell.length_b   159.141
_cell.length_c   92.109
_cell.angle_alpha   90.000
_cell.angle_beta   90.000
_cell.angle_gamma   120.000
#
_symmetry.space_group_name_H-M   'P 31'
#
loop_
_entity.id
_entity.type
_entity.pdbx_description
1 polymer 'Lysine-specific demethylase 5A'
2 polymer 'Unknown Peptide'
3 non-polymer 'NICKEL (II) ION'
4 non-polymer 'ZINC ION'
5 non-polymer ~{N}-ethyl-4-oxidanyl-2-oxidanylidene-1~{H}-1,7-naphthyridine-3-carboxamide
6 water water
#
loop_
_entity_poly.entity_id
_entity_poly.type
_entity_poly.pdbx_seq_one_letter_code
_entity_poly.pdbx_strand_id
1 'polypeptide(L)'
;SEFVPPPECPVFEPSWEEFTDPLSFIGRIRPLAEKTGICKIRPPKDWQPPFACEVKSFRFTPRVQRLNELEAMTRVRLDF
LDQLAKFWELQGSTLKIPVVERKILDLYALSKIVASKGGFEMVTKEKKWSKVGSRLGYLPGKGTGSLLKSHYERILYPYE
LFQSGVSLMGVQMPNLDLKEKVEPEVLSTDTQTSPEPGTRMNILPKRTRRVKTQSESGDVSRNTELKKLQIFGAGPKVVG
LAMGTKDKEDEVTRRRKVTNRSDAFNMQMRQRKGTLSVNFVDLYVCMFCGRGNNEDKLLLCDGCDDSYHTFCLIPPLPDV
PKGDWRCPKCVAEECSKPREAFGFEQAVREYTLQSFGEMADNFKSDYFNMPVHMVPTELVEKEFWRLVSSIEEDVIVEYG
ADISSKDFGSGFPVKDGRRKILPEEEEYALSGWNLNNMPVLEQSVLAHINVDISGMKVPWLYVGMCFSSFCWHIEDHWSY
SINYLHWGEPKTWYGVPSHAAEQLEEVMRELAPELFESQPDLLHQLVTIMNPNVLMEHGVPVYRTNQCAGEFVVTFPRAY
HSGFNQGYNFAEAVNFCTADWLPIGRQCVNHYRRLRRHCVFSHEELIFKMAADPECLDVGLAAMVCKELTLMTEEETRLR
ESVVQMGVLMSEEEVFELVPDDERQCSACRTTCFLSALTCSCNPERLVCLYHPTDLCPCPMQKKCLRYRYPLEDLPSLLY
GVKVRAQSYDTWVSRVTEALSANFNHKKDLIELRVMLEDAEDRKYPENDLFRKLRDAVKEAETCASVGNS
;
A,B
2 'polypeptide(L)' (UNK)(UNK)(UNK)(UNK)(UNK)(UNK)(UNK)(UNK)(UNK)(UNK) F,G
#
# COMPACT_ATOMS: atom_id res chain seq x y z
N GLU A 2 17.03 -26.72 36.01
CA GLU A 2 15.74 -27.31 36.32
C GLU A 2 15.03 -27.68 35.02
N PHE A 3 15.22 -26.85 34.00
CA PHE A 3 14.54 -27.05 32.72
C PHE A 3 15.09 -28.25 31.96
N VAL A 4 14.22 -28.93 31.23
CA VAL A 4 14.57 -30.17 30.52
C VAL A 4 14.45 -30.02 29.00
N PRO A 5 15.59 -30.07 28.28
CA PRO A 5 15.53 -30.02 26.81
C PRO A 5 14.74 -31.19 26.19
N PRO A 6 13.77 -30.91 25.30
CA PRO A 6 13.03 -31.97 24.60
C PRO A 6 13.88 -32.72 23.57
N PRO A 7 13.31 -33.77 22.93
CA PRO A 7 14.00 -34.51 21.86
C PRO A 7 14.22 -33.68 20.60
N GLU A 8 15.35 -33.87 19.94
CA GLU A 8 15.69 -33.08 18.77
C GLU A 8 14.88 -33.51 17.56
N CYS A 9 14.38 -32.54 16.79
CA CYS A 9 13.75 -32.83 15.52
C CYS A 9 14.85 -33.18 14.52
N PRO A 10 14.52 -33.94 13.46
CA PRO A 10 15.55 -34.41 12.52
C PRO A 10 16.16 -33.32 11.67
N VAL A 11 17.37 -33.58 11.17
CA VAL A 11 18.05 -32.70 10.22
C VAL A 11 18.19 -33.46 8.92
N PHE A 12 18.36 -32.74 7.82
CA PHE A 12 18.52 -33.37 6.52
C PHE A 12 19.65 -32.71 5.74
N GLU A 13 20.57 -33.54 5.25
CA GLU A 13 21.74 -33.07 4.51
C GLU A 13 21.71 -33.61 3.08
N PRO A 14 20.82 -33.04 2.24
CA PRO A 14 20.61 -33.53 0.88
C PRO A 14 21.83 -33.45 -0.03
N SER A 15 21.88 -34.35 -1.01
CA SER A 15 22.88 -34.31 -2.06
C SER A 15 22.56 -33.16 -3.01
N TRP A 16 23.54 -32.73 -3.80
CA TRP A 16 23.34 -31.67 -4.77
C TRP A 16 22.23 -31.99 -5.77
N GLU A 17 22.04 -33.27 -6.05
CA GLU A 17 20.98 -33.69 -6.97
C GLU A 17 19.61 -33.70 -6.29
N GLU A 18 19.58 -34.07 -5.01
CA GLU A 18 18.37 -33.95 -4.20
C GLU A 18 18.04 -32.48 -3.98
N PHE A 19 19.09 -31.67 -3.96
CA PHE A 19 18.98 -30.26 -3.57
C PHE A 19 18.53 -29.38 -4.73
N THR A 20 18.34 -29.98 -5.90
CA THR A 20 18.04 -29.21 -7.10
C THR A 20 16.58 -28.75 -7.15
N ASP A 21 15.67 -29.59 -6.64
CA ASP A 21 14.27 -29.21 -6.50
C ASP A 21 13.86 -29.20 -5.02
N PRO A 22 13.55 -28.01 -4.47
CA PRO A 22 13.18 -27.95 -3.05
C PRO A 22 11.87 -28.67 -2.68
N LEU A 23 10.83 -28.50 -3.48
CA LEU A 23 9.51 -29.00 -3.12
C LEU A 23 9.37 -30.50 -3.32
N SER A 24 10.20 -31.06 -4.19
CA SER A 24 10.24 -32.51 -4.39
C SER A 24 10.87 -33.17 -3.18
N PHE A 25 12.00 -32.60 -2.77
CA PHE A 25 12.80 -33.15 -1.67
C PHE A 25 12.02 -33.11 -0.36
N ILE A 26 11.11 -32.15 -0.23
CA ILE A 26 10.30 -32.03 0.98
C ILE A 26 9.21 -33.10 1.00
N GLY A 27 8.58 -33.33 -0.16
CA GLY A 27 7.60 -34.38 -0.29
C GLY A 27 8.23 -35.75 -0.04
N ARG A 28 9.47 -35.90 -0.50
CA ARG A 28 10.29 -37.06 -0.17
C ARG A 28 10.35 -37.22 1.34
N ILE A 29 10.57 -36.10 2.01
CA ILE A 29 10.76 -36.07 3.46
C ILE A 29 9.46 -36.12 4.24
N ARG A 30 8.39 -35.56 3.66
CA ARG A 30 7.15 -35.29 4.39
C ARG A 30 6.70 -36.42 5.30
N PRO A 31 6.55 -37.65 4.77
CA PRO A 31 6.00 -38.75 5.57
C PRO A 31 6.75 -38.95 6.89
N LEU A 32 7.99 -38.46 6.93
CA LEU A 32 8.85 -38.61 8.09
C LEU A 32 8.80 -37.35 8.98
N ALA A 33 9.22 -36.22 8.41
CA ALA A 33 9.28 -34.95 9.14
C ALA A 33 7.91 -34.49 9.64
N GLU A 34 6.87 -34.86 8.89
CA GLU A 34 5.48 -34.53 9.24
C GLU A 34 5.15 -34.97 10.66
N LYS A 35 5.78 -36.07 11.09
CA LYS A 35 5.52 -36.64 12.41
C LYS A 35 6.19 -35.86 13.52
N THR A 36 7.29 -35.18 13.21
CA THR A 36 7.91 -34.26 14.16
C THR A 36 7.33 -32.86 14.07
N GLY A 37 6.67 -32.55 12.95
CA GLY A 37 6.00 -31.28 12.77
C GLY A 37 6.93 -30.20 12.25
N ILE A 38 8.22 -30.38 12.49
CA ILE A 38 9.25 -29.48 11.99
C ILE A 38 10.50 -30.26 11.65
N CYS A 39 11.40 -29.65 10.88
CA CYS A 39 12.67 -30.28 10.59
C CYS A 39 13.69 -29.23 10.20
N LYS A 40 14.96 -29.60 10.29
CA LYS A 40 16.06 -28.72 9.94
C LYS A 40 16.68 -29.26 8.66
N ILE A 41 17.23 -28.37 7.83
CA ILE A 41 17.84 -28.78 6.56
C ILE A 41 19.16 -28.07 6.34
N ARG A 42 20.20 -28.85 6.13
CA ARG A 42 21.53 -28.34 5.88
C ARG A 42 21.87 -28.43 4.40
N PRO A 43 22.00 -27.29 3.72
CA PRO A 43 22.40 -27.35 2.31
C PRO A 43 23.83 -27.86 2.18
N PRO A 44 24.23 -28.33 0.98
CA PRO A 44 25.63 -28.65 0.75
C PRO A 44 26.52 -27.48 1.17
N LYS A 45 27.64 -27.78 1.82
CA LYS A 45 28.47 -26.74 2.42
C LYS A 45 29.03 -25.78 1.37
N ASP A 46 29.08 -26.23 0.12
CA ASP A 46 29.52 -25.38 -0.98
C ASP A 46 28.51 -24.27 -1.23
N TRP A 47 27.31 -24.43 -0.68
CA TRP A 47 26.22 -23.52 -0.94
C TRP A 47 26.21 -22.40 0.11
N GLN A 48 26.60 -21.21 -0.32
CA GLN A 48 26.76 -20.06 0.58
C GLN A 48 26.35 -18.77 -0.13
N PRO A 49 25.03 -18.50 -0.22
CA PRO A 49 24.62 -17.29 -0.95
C PRO A 49 25.13 -16.02 -0.27
N PRO A 50 25.67 -15.07 -1.05
CA PRO A 50 26.12 -13.82 -0.41
C PRO A 50 24.94 -13.05 0.16
N PHE A 51 25.21 -12.19 1.14
CA PHE A 51 24.14 -11.41 1.75
C PHE A 51 23.97 -10.11 0.96
N ALA A 52 22.82 -9.97 0.32
CA ALA A 52 22.57 -8.87 -0.61
C ALA A 52 22.45 -7.53 0.12
N CYS A 53 22.01 -7.57 1.36
CA CYS A 53 21.68 -6.36 2.10
C CYS A 53 22.89 -5.72 2.77
N GLU A 54 22.97 -4.40 2.65
CA GLU A 54 23.91 -3.64 3.46
C GLU A 54 23.41 -3.65 4.90
N VAL A 55 24.32 -3.41 5.82
CA VAL A 55 24.05 -3.45 7.25
C VAL A 55 24.23 -2.04 7.80
N LYS A 56 25.42 -1.51 7.61
CA LYS A 56 25.84 -0.23 8.17
C LYS A 56 24.79 0.86 7.99
N SER A 57 24.13 0.89 6.83
CA SER A 57 22.84 1.57 6.75
C SER A 57 21.77 0.54 6.43
N PHE A 58 21.04 0.12 7.47
CA PHE A 58 19.80 -0.60 7.33
C PHE A 58 18.93 -0.12 8.48
N ARG A 59 17.77 0.46 8.21
CA ARG A 59 16.97 1.09 9.25
C ARG A 59 15.70 0.32 9.54
N PHE A 60 15.52 -0.08 10.80
CA PHE A 60 14.30 -0.76 11.22
C PHE A 60 13.83 -0.24 12.58
N THR A 61 12.51 -0.13 12.73
CA THR A 61 11.92 0.30 13.98
C THR A 61 11.75 -0.89 14.93
N PRO A 62 12.50 -0.91 16.04
CA PRO A 62 12.47 -2.09 16.91
C PRO A 62 11.18 -2.20 17.71
N ARG A 63 10.69 -3.43 17.89
CA ARG A 63 9.65 -3.71 18.86
C ARG A 63 10.34 -4.23 20.12
N VAL A 64 9.58 -4.50 21.17
CA VAL A 64 10.16 -4.81 22.47
C VAL A 64 9.37 -5.89 23.20
N GLN A 65 10.05 -6.60 24.11
CA GLN A 65 9.43 -7.66 24.88
C GLN A 65 9.91 -7.65 26.33
N ARG A 66 8.96 -7.71 27.26
CA ARG A 66 9.25 -7.95 28.66
C ARG A 66 8.86 -9.39 28.98
N LEU A 67 9.85 -10.24 29.21
CA LEU A 67 9.64 -11.68 29.29
C LEU A 67 8.71 -12.11 30.43
N ASN A 68 8.59 -11.25 31.44
CA ASN A 68 7.67 -11.51 32.55
C ASN A 68 6.23 -11.51 32.05
N GLU A 69 5.86 -10.41 31.38
CA GLU A 69 4.50 -10.22 30.89
C GLU A 69 4.34 -10.72 29.45
N LEU A 70 5.40 -11.33 28.93
CA LEU A 70 5.35 -11.97 27.61
C LEU A 70 4.25 -13.02 27.59
N GLU A 71 3.95 -13.58 28.75
CA GLU A 71 2.87 -14.54 28.90
C GLU A 71 1.55 -13.81 29.12
N ALA A 72 0.63 -13.95 28.17
CA ALA A 72 -0.67 -13.30 28.28
C ALA A 72 -1.73 -14.20 28.93
N MET A 73 -1.39 -15.47 29.10
CA MET A 73 -2.33 -16.46 29.62
C MET A 73 -2.26 -16.59 31.13
N THR A 74 -1.53 -15.68 31.77
CA THR A 74 -1.40 -15.66 33.23
C THR A 74 -2.76 -15.73 33.90
N ARG A 75 -2.82 -16.45 35.03
CA ARG A 75 -4.05 -16.69 35.76
C ARG A 75 -4.86 -15.42 35.98
N VAL A 76 -4.19 -14.37 36.45
CA VAL A 76 -4.84 -13.12 36.80
C VAL A 76 -5.52 -12.47 35.60
N ARG A 77 -4.89 -12.58 34.44
CA ARG A 77 -5.44 -11.97 33.23
C ARG A 77 -6.66 -12.75 32.76
N LEU A 78 -6.59 -14.07 32.86
CA LEU A 78 -7.68 -14.93 32.44
C LEU A 78 -8.94 -14.70 33.27
N ASP A 79 -8.79 -14.78 34.59
CA ASP A 79 -9.91 -14.62 35.51
C ASP A 79 -10.55 -13.24 35.34
N PHE A 80 -9.71 -12.23 35.11
CA PHE A 80 -10.19 -10.88 34.83
C PHE A 80 -11.11 -10.90 33.62
N LEU A 81 -10.61 -11.45 32.51
CA LEU A 81 -11.37 -11.55 31.27
C LEU A 81 -12.55 -12.49 31.44
N ASP A 82 -12.37 -13.52 32.26
CA ASP A 82 -13.44 -14.47 32.53
C ASP A 82 -14.58 -13.77 33.25
N GLN A 83 -14.23 -12.88 34.17
CA GLN A 83 -15.23 -12.10 34.90
C GLN A 83 -15.87 -11.03 34.02
N LEU A 84 -15.02 -10.30 33.30
CA LEU A 84 -15.49 -9.18 32.47
C LEU A 84 -16.51 -9.63 31.43
N ALA A 85 -16.35 -10.86 30.94
CA ALA A 85 -17.30 -11.44 30.00
C ALA A 85 -18.63 -11.67 30.71
N LYS A 86 -18.57 -12.27 31.89
CA LYS A 86 -19.76 -12.58 32.67
C LYS A 86 -20.50 -11.31 33.07
N PHE A 87 -19.74 -10.25 33.34
CA PHE A 87 -20.33 -8.96 33.63
C PHE A 87 -21.22 -8.54 32.48
N TRP A 88 -20.66 -8.55 31.28
CA TRP A 88 -21.35 -8.08 30.09
C TRP A 88 -22.49 -8.99 29.65
N GLU A 89 -22.34 -10.29 29.89
CA GLU A 89 -23.42 -11.23 29.62
C GLU A 89 -24.67 -10.82 30.38
N LEU A 90 -24.47 -10.42 31.63
CA LEU A 90 -25.55 -9.97 32.49
C LEU A 90 -26.20 -8.72 31.92
N GLN A 91 -25.38 -7.79 31.43
CA GLN A 91 -25.86 -6.50 30.94
C GLN A 91 -26.68 -6.63 29.65
N GLY A 92 -26.69 -7.82 29.07
CA GLY A 92 -27.45 -8.08 27.85
C GLY A 92 -26.56 -7.93 26.63
N SER A 93 -25.46 -7.19 26.79
CA SER A 93 -24.46 -7.08 25.74
C SER A 93 -23.61 -8.34 25.75
N THR A 94 -22.60 -8.37 24.88
CA THR A 94 -21.59 -9.42 24.92
C THR A 94 -20.23 -8.77 24.82
N LEU A 95 -19.23 -9.36 25.48
CA LEU A 95 -17.89 -8.79 25.49
C LEU A 95 -17.23 -9.02 24.13
N LYS A 96 -16.86 -7.93 23.47
CA LYS A 96 -16.18 -7.98 22.17
C LYS A 96 -14.81 -7.35 22.32
N ILE A 97 -13.76 -8.15 22.18
CA ILE A 97 -12.40 -7.66 22.34
C ILE A 97 -11.89 -7.00 21.05
N PRO A 98 -11.63 -5.69 21.10
CA PRO A 98 -11.23 -4.95 19.89
C PRO A 98 -9.80 -5.25 19.46
N VAL A 99 -9.47 -4.91 18.23
CA VAL A 99 -8.12 -5.01 17.72
C VAL A 99 -7.53 -3.60 17.62
N VAL A 100 -6.30 -3.43 18.06
CA VAL A 100 -5.63 -2.14 18.02
C VAL A 100 -4.22 -2.28 17.44
N GLU A 101 -4.00 -1.62 16.31
CA GLU A 101 -2.72 -1.69 15.61
C GLU A 101 -2.28 -3.14 15.40
N ARG A 102 -3.04 -3.86 14.58
CA ARG A 102 -2.68 -5.19 14.10
C ARG A 102 -2.89 -6.32 15.12
N LYS A 103 -3.18 -5.98 16.38
CA LYS A 103 -3.37 -7.01 17.39
C LYS A 103 -4.39 -6.62 18.45
N ILE A 104 -4.95 -7.63 19.09
CA ILE A 104 -5.95 -7.46 20.15
C ILE A 104 -5.48 -6.53 21.26
N LEU A 105 -6.42 -5.75 21.79
CA LEU A 105 -6.14 -4.87 22.91
C LEU A 105 -6.11 -5.70 24.19
N ASP A 106 -5.14 -5.42 25.06
CA ASP A 106 -5.06 -6.10 26.35
C ASP A 106 -5.82 -5.26 27.36
N LEU A 107 -6.98 -5.77 27.80
CA LEU A 107 -7.87 -5.03 28.67
C LEU A 107 -7.41 -5.07 30.12
N TYR A 108 -6.92 -6.23 30.55
CA TYR A 108 -6.44 -6.40 31.92
C TYR A 108 -5.31 -5.41 32.20
N ALA A 109 -4.33 -5.38 31.31
CA ALA A 109 -3.24 -4.43 31.42
C ALA A 109 -3.79 -3.02 31.42
N LEU A 110 -4.60 -2.72 30.40
CA LEU A 110 -5.21 -1.41 30.24
C LEU A 110 -5.92 -0.95 31.51
N SER A 111 -6.84 -1.78 32.00
CA SER A 111 -7.62 -1.45 33.19
C SER A 111 -6.72 -1.24 34.40
N LYS A 112 -5.77 -2.16 34.61
CA LYS A 112 -4.82 -2.07 35.70
C LYS A 112 -4.15 -0.71 35.72
N ILE A 113 -3.72 -0.27 34.54
CA ILE A 113 -3.02 0.99 34.40
C ILE A 113 -3.97 2.16 34.64
N VAL A 114 -5.08 2.18 33.90
CA VAL A 114 -6.07 3.25 34.04
C VAL A 114 -6.51 3.41 35.48
N ALA A 115 -6.61 2.28 36.19
CA ALA A 115 -7.05 2.27 37.58
C ALA A 115 -5.94 2.78 38.51
N SER A 116 -4.70 2.48 38.16
CA SER A 116 -3.56 2.84 39.01
C SER A 116 -3.35 4.35 39.07
N LYS A 117 -3.70 5.04 38.00
CA LYS A 117 -3.62 6.50 37.94
C LYS A 117 -4.94 7.17 38.32
N GLY A 118 -5.89 6.36 38.79
CA GLY A 118 -7.13 6.87 39.36
C GLY A 118 -8.39 6.71 38.53
N GLY A 119 -8.30 5.95 37.44
CA GLY A 119 -9.48 5.54 36.70
C GLY A 119 -9.82 6.40 35.50
N PHE A 120 -10.99 6.15 34.92
CA PHE A 120 -11.38 6.75 33.65
C PHE A 120 -11.39 8.29 33.65
N GLU A 121 -12.34 8.88 34.36
CA GLU A 121 -12.53 10.33 34.35
C GLU A 121 -11.30 11.06 34.86
N MET A 122 -10.60 10.43 35.80
CA MET A 122 -9.31 10.93 36.27
C MET A 122 -8.36 11.09 35.08
N VAL A 123 -8.05 9.98 34.43
CA VAL A 123 -7.14 9.95 33.28
C VAL A 123 -7.59 10.90 32.18
N THR A 124 -8.90 10.92 31.89
CA THR A 124 -9.45 11.80 30.87
C THR A 124 -9.16 13.26 31.20
N LYS A 125 -9.56 13.67 32.40
CA LYS A 125 -9.46 15.07 32.80
C LYS A 125 -8.00 15.49 32.92
N GLU A 126 -7.10 14.52 33.09
CA GLU A 126 -5.66 14.77 33.13
C GLU A 126 -4.99 14.54 31.77
N LYS A 127 -5.76 14.07 30.79
CA LYS A 127 -5.27 13.85 29.43
C LYS A 127 -4.02 12.97 29.36
N LYS A 128 -3.99 11.92 30.17
CA LYS A 128 -2.82 11.02 30.22
C LYS A 128 -2.99 9.78 29.33
N TRP A 129 -4.07 9.74 28.56
CA TRP A 129 -4.37 8.57 27.73
C TRP A 129 -3.22 8.19 26.79
N SER A 130 -2.36 9.16 26.47
CA SER A 130 -1.21 8.90 25.62
C SER A 130 -0.07 8.23 26.41
N LYS A 131 0.03 8.58 27.69
CA LYS A 131 1.00 7.95 28.59
C LYS A 131 0.67 6.47 28.75
N VAL A 132 -0.64 6.17 28.76
CA VAL A 132 -1.12 4.81 28.87
C VAL A 132 -0.61 3.95 27.71
N GLY A 133 -1.07 4.26 26.50
CA GLY A 133 -0.73 3.49 25.32
C GLY A 133 0.76 3.29 25.15
N SER A 134 1.54 4.27 25.59
CA SER A 134 2.99 4.16 25.59
C SER A 134 3.44 2.99 26.44
N ARG A 135 2.90 2.89 27.65
CA ARG A 135 3.27 1.82 28.57
C ARG A 135 2.65 0.49 28.14
N LEU A 136 1.58 0.56 27.34
CA LEU A 136 1.01 -0.62 26.73
C LEU A 136 1.84 -0.98 25.49
N GLY A 137 2.86 -0.16 25.21
CA GLY A 137 3.81 -0.44 24.16
C GLY A 137 3.40 0.14 22.83
N TYR A 138 2.16 0.62 22.74
CA TYR A 138 1.63 1.11 21.47
C TYR A 138 2.45 2.27 20.91
N LEU A 139 2.87 2.12 19.66
CA LEU A 139 3.72 3.09 18.99
C LEU A 139 3.04 4.46 18.87
N PRO A 140 3.66 5.52 19.40
CA PRO A 140 3.11 6.86 19.14
C PRO A 140 3.47 7.26 17.71
N GLY A 141 2.99 8.39 17.20
CA GLY A 141 2.01 9.26 17.85
C GLY A 141 0.64 8.99 17.23
N LYS A 142 0.47 7.76 16.75
CA LYS A 142 -0.59 7.41 15.79
C LYS A 142 -2.01 7.69 16.28
N GLY A 143 -2.16 8.09 17.54
CA GLY A 143 -3.44 8.56 18.05
C GLY A 143 -4.14 7.47 18.84
N THR A 144 -3.39 6.43 19.17
CA THR A 144 -3.92 5.30 19.93
C THR A 144 -4.45 5.78 21.28
N GLY A 145 -3.85 6.84 21.82
CA GLY A 145 -4.20 7.32 23.15
C GLY A 145 -5.68 7.65 23.29
N SER A 146 -6.19 8.51 22.44
CA SER A 146 -7.60 8.89 22.48
C SER A 146 -8.48 7.77 21.94
N LEU A 147 -7.86 6.77 21.31
CA LEU A 147 -8.58 5.61 20.80
C LEU A 147 -8.89 4.63 21.94
N LEU A 148 -7.96 4.51 22.88
CA LEU A 148 -8.15 3.65 24.05
C LEU A 148 -9.26 4.20 24.92
N LYS A 149 -9.32 5.53 25.03
CA LYS A 149 -10.36 6.21 25.80
C LYS A 149 -11.74 5.84 25.28
N SER A 150 -11.86 5.78 23.95
CA SER A 150 -13.11 5.40 23.31
C SER A 150 -13.47 3.96 23.68
N HIS A 151 -12.44 3.12 23.79
CA HIS A 151 -12.62 1.70 24.08
C HIS A 151 -12.92 1.43 25.55
N TYR A 152 -12.14 2.06 26.43
CA TYR A 152 -12.29 1.86 27.87
C TYR A 152 -13.70 2.23 28.31
N GLU A 153 -14.15 3.40 27.90
CA GLU A 153 -15.50 3.89 28.21
C GLU A 153 -16.58 2.93 27.74
N ARG A 154 -16.35 2.33 26.58
CA ARG A 154 -17.36 1.50 25.93
C ARG A 154 -17.43 0.12 26.55
N ILE A 155 -16.36 -0.27 27.25
CA ILE A 155 -16.21 -1.62 27.79
C ILE A 155 -15.84 -1.61 29.27
N LEU A 156 -14.69 -1.01 29.60
CA LEU A 156 -14.15 -1.07 30.95
C LEU A 156 -14.76 -0.10 31.96
N TYR A 157 -15.21 1.07 31.51
CA TYR A 157 -15.78 2.07 32.44
C TYR A 157 -17.02 1.56 33.17
N PRO A 158 -17.95 0.92 32.44
CA PRO A 158 -19.13 0.33 33.11
C PRO A 158 -18.70 -0.70 34.15
N TYR A 159 -17.69 -1.49 33.80
CA TYR A 159 -17.14 -2.49 34.70
C TYR A 159 -16.33 -1.79 35.80
N GLU A 160 -15.68 -0.68 35.45
CA GLU A 160 -14.95 0.11 36.44
C GLU A 160 -15.89 0.56 37.54
N LEU A 161 -16.99 1.21 37.15
CA LEU A 161 -18.00 1.66 38.10
C LEU A 161 -18.51 0.49 38.93
N PHE A 162 -18.97 -0.54 38.23
CA PHE A 162 -19.41 -1.78 38.84
C PHE A 162 -18.37 -2.31 39.81
N GLN A 163 -17.18 -2.62 39.29
CA GLN A 163 -16.08 -3.13 40.09
C GLN A 163 -15.62 -2.12 41.14
N SER A 164 -15.82 -0.83 40.84
CA SER A 164 -15.55 0.22 41.82
C SER A 164 -16.67 0.19 42.84
N GLY A 165 -16.71 1.17 43.73
CA GLY A 165 -17.78 1.20 44.70
C GLY A 165 -19.12 1.33 44.01
N VAL A 166 -19.99 0.35 44.25
CA VAL A 166 -21.41 0.45 43.96
C VAL A 166 -21.72 1.01 42.54
N SER A 167 -22.45 2.11 42.45
CA SER A 167 -22.63 2.88 41.21
C SER A 167 -23.30 2.16 40.02
N LEU A 168 -22.81 2.46 38.81
CA LEU A 168 -23.37 1.97 37.55
C LEU A 168 -24.86 2.30 37.31
N MET A 169 -25.15 3.57 37.02
CA MET A 169 -26.49 3.94 36.58
C MET A 169 -26.50 4.17 35.06
N GLY A 170 -26.03 5.33 34.62
CA GLY A 170 -25.78 5.57 33.20
C GLY A 170 -24.30 5.67 32.90
N VAL A 171 -23.90 5.79 31.64
CA VAL A 171 -24.74 5.51 30.47
C VAL A 171 -24.42 4.11 30.00
N GLN A 172 -24.97 3.68 28.86
CA GLN A 172 -24.70 2.34 28.35
C GLN A 172 -25.34 2.08 26.99
N MET A 173 -24.85 1.04 26.33
CA MET A 173 -25.48 0.45 25.14
C MET A 173 -24.69 -0.77 24.68
N TYR A 351 16.82 2.48 14.72
CA TYR A 351 17.88 1.51 14.96
C TYR A 351 18.54 1.10 13.65
N THR A 352 19.81 0.72 13.73
CA THR A 352 20.53 0.16 12.60
C THR A 352 20.94 -1.27 12.89
N LEU A 353 20.97 -2.11 11.86
CA LEU A 353 21.43 -3.49 12.00
C LEU A 353 22.83 -3.50 12.59
N GLN A 354 23.67 -2.59 12.11
CA GLN A 354 24.99 -2.36 12.68
C GLN A 354 24.87 -2.03 14.16
N SER A 355 24.25 -0.90 14.45
CA SER A 355 24.09 -0.42 15.82
C SER A 355 23.30 -1.40 16.69
N PHE A 356 22.51 -2.26 16.06
CA PHE A 356 21.76 -3.27 16.79
C PHE A 356 22.68 -4.43 17.16
N GLY A 357 23.60 -4.76 16.25
CA GLY A 357 24.59 -5.79 16.51
C GLY A 357 25.44 -5.44 17.72
N GLU A 358 25.72 -4.15 17.88
CA GLU A 358 26.48 -3.66 19.02
C GLU A 358 25.68 -3.86 20.30
N MET A 359 24.40 -3.51 20.24
CA MET A 359 23.49 -3.66 21.37
C MET A 359 23.47 -5.10 21.86
N ALA A 360 23.15 -6.02 20.96
CA ALA A 360 22.91 -7.41 21.31
C ALA A 360 24.18 -8.08 21.83
N ASP A 361 25.31 -7.74 21.24
CA ASP A 361 26.59 -8.33 21.66
C ASP A 361 26.99 -7.85 23.05
N ASN A 362 26.87 -6.55 23.28
CA ASN A 362 27.16 -5.97 24.59
C ASN A 362 26.26 -6.58 25.67
N PHE A 363 24.96 -6.62 25.37
CA PHE A 363 23.97 -7.16 26.29
C PHE A 363 24.27 -8.61 26.66
N LYS A 364 24.48 -9.44 25.65
CA LYS A 364 24.69 -10.87 25.84
C LYS A 364 25.97 -11.15 26.64
N SER A 365 27.00 -10.36 26.41
CA SER A 365 28.30 -10.56 27.06
C SER A 365 28.30 -10.08 28.51
N ASP A 366 27.68 -8.92 28.75
CA ASP A 366 27.62 -8.36 30.10
C ASP A 366 26.74 -9.23 31.00
N TYR A 367 25.77 -9.91 30.40
CA TYR A 367 24.89 -10.80 31.15
C TYR A 367 25.63 -12.02 31.67
N PHE A 368 26.27 -12.76 30.77
CA PHE A 368 26.95 -14.00 31.11
C PHE A 368 28.42 -13.80 31.46
N ASN A 369 28.93 -12.58 31.25
CA ASN A 369 30.34 -12.27 31.49
C ASN A 369 31.27 -13.15 30.66
N MET A 370 30.98 -13.26 29.36
CA MET A 370 31.80 -14.03 28.44
C MET A 370 31.82 -13.36 27.07
N PRO A 371 32.59 -13.91 26.14
CA PRO A 371 32.40 -13.55 24.73
C PRO A 371 31.10 -14.19 24.24
N VAL A 372 30.35 -13.48 23.39
CA VAL A 372 29.01 -13.91 23.01
C VAL A 372 28.98 -15.26 22.31
N HIS A 373 30.01 -15.55 21.53
CA HIS A 373 30.08 -16.81 20.80
C HIS A 373 30.52 -17.96 21.72
N MET A 374 30.93 -17.63 22.93
CA MET A 374 31.52 -18.62 23.84
C MET A 374 30.51 -19.29 24.80
N VAL A 375 29.29 -18.78 24.85
CA VAL A 375 28.28 -19.34 25.76
C VAL A 375 27.58 -20.51 25.08
N PRO A 376 27.47 -21.65 25.78
CA PRO A 376 26.87 -22.82 25.13
C PRO A 376 25.37 -22.66 24.91
N THR A 377 24.84 -23.38 23.93
CA THR A 377 23.43 -23.28 23.58
C THR A 377 22.54 -23.72 24.74
N GLU A 378 22.94 -24.79 25.42
CA GLU A 378 22.13 -25.41 26.46
C GLU A 378 21.93 -24.47 27.65
N LEU A 379 22.92 -23.61 27.90
CA LEU A 379 22.88 -22.71 29.04
C LEU A 379 21.86 -21.59 28.85
N VAL A 380 21.86 -20.96 27.68
CA VAL A 380 20.94 -19.88 27.38
C VAL A 380 19.51 -20.39 27.41
N GLU A 381 19.31 -21.56 26.83
CA GLU A 381 18.01 -22.22 26.81
C GLU A 381 17.44 -22.33 28.21
N LYS A 382 18.28 -22.78 29.14
CA LYS A 382 17.88 -22.95 30.53
C LYS A 382 17.55 -21.61 31.16
N GLU A 383 18.40 -20.61 30.92
CA GLU A 383 18.23 -19.28 31.49
C GLU A 383 16.98 -18.58 30.98
N PHE A 384 16.65 -18.83 29.71
CA PHE A 384 15.51 -18.20 29.06
C PHE A 384 14.19 -18.53 29.76
N TRP A 385 13.89 -19.82 29.86
CA TRP A 385 12.64 -20.28 30.45
C TRP A 385 12.58 -19.99 31.95
N ARG A 386 13.73 -19.73 32.53
CA ARG A 386 13.80 -19.32 33.93
C ARG A 386 13.16 -17.94 34.06
N LEU A 387 13.46 -17.07 33.10
CA LEU A 387 13.07 -15.67 33.15
C LEU A 387 11.57 -15.45 32.91
N VAL A 388 10.93 -16.39 32.20
CA VAL A 388 9.52 -16.28 31.89
C VAL A 388 8.68 -16.35 33.16
N SER A 389 8.90 -17.39 33.95
CA SER A 389 8.11 -17.64 35.15
C SER A 389 8.70 -16.91 36.37
N SER A 390 9.77 -16.15 36.14
CA SER A 390 10.45 -15.45 37.22
C SER A 390 9.90 -14.03 37.38
N ILE A 391 9.21 -13.80 38.50
CA ILE A 391 8.87 -12.46 38.93
C ILE A 391 10.00 -11.91 39.80
N GLU A 392 10.99 -12.76 40.09
CA GLU A 392 12.12 -12.38 40.94
C GLU A 392 12.98 -11.31 40.27
N GLU A 393 12.89 -11.22 38.96
CA GLU A 393 13.63 -10.19 38.21
C GLU A 393 12.93 -9.82 36.91
N ASP A 394 13.15 -8.60 36.47
CA ASP A 394 12.59 -8.10 35.21
C ASP A 394 13.68 -8.02 34.15
N VAL A 395 13.32 -8.42 32.92
CA VAL A 395 14.25 -8.37 31.80
C VAL A 395 13.52 -7.92 30.54
N ILE A 396 14.12 -6.97 29.83
CA ILE A 396 13.55 -6.41 28.61
C ILE A 396 14.46 -6.73 27.43
N VAL A 397 13.87 -6.96 26.27
CA VAL A 397 14.62 -7.33 25.07
C VAL A 397 14.01 -6.68 23.83
N GLU A 398 14.85 -6.43 22.83
CA GLU A 398 14.43 -5.79 21.59
C GLU A 398 14.61 -6.72 20.40
N TYR A 399 13.70 -6.59 19.42
CA TYR A 399 13.77 -7.36 18.19
C TYR A 399 13.21 -6.52 17.06
N GLY A 400 13.00 -7.15 15.91
CA GLY A 400 12.22 -6.53 14.85
C GLY A 400 11.57 -7.62 14.02
N ALA A 401 10.43 -7.28 13.43
CA ALA A 401 9.62 -8.23 12.69
C ALA A 401 8.50 -7.46 11.99
N ASP A 402 7.63 -8.18 11.30
CA ASP A 402 6.60 -7.56 10.49
C ASP A 402 7.32 -6.71 9.44
N ILE A 403 8.43 -7.27 8.96
CA ILE A 403 9.31 -6.62 8.00
C ILE A 403 9.24 -7.39 6.69
N SER A 404 8.93 -6.70 5.60
CA SER A 404 8.75 -7.35 4.31
C SER A 404 9.92 -7.12 3.37
N SER A 405 10.21 -8.13 2.56
CA SER A 405 11.21 -8.04 1.50
C SER A 405 10.78 -6.97 0.52
N LYS A 406 9.46 -6.82 0.37
CA LYS A 406 8.88 -5.81 -0.48
C LYS A 406 9.48 -4.44 -0.16
N ASP A 407 9.22 -3.97 1.06
CA ASP A 407 9.69 -2.65 1.49
C ASP A 407 11.20 -2.61 1.74
N PHE A 408 11.69 -3.52 2.58
CA PHE A 408 13.07 -3.49 3.05
C PHE A 408 14.08 -4.22 2.16
N GLY A 409 13.59 -5.03 1.23
CA GLY A 409 14.46 -5.80 0.35
C GLY A 409 14.84 -7.13 0.97
N SER A 410 15.05 -8.14 0.11
CA SER A 410 15.39 -9.48 0.56
C SER A 410 16.89 -9.63 0.82
N GLY A 411 17.23 -10.49 1.77
CA GLY A 411 18.63 -10.78 2.06
C GLY A 411 19.22 -11.78 1.06
N PHE A 412 18.50 -12.02 -0.03
CA PHE A 412 18.95 -12.89 -1.10
C PHE A 412 19.19 -12.08 -2.36
N PRO A 413 20.19 -12.49 -3.17
CA PRO A 413 20.24 -11.93 -4.52
C PRO A 413 19.04 -12.40 -5.34
N VAL A 414 18.63 -11.63 -6.32
CA VAL A 414 17.47 -11.95 -7.14
C VAL A 414 17.36 -10.87 -8.21
N LYS A 415 16.64 -11.15 -9.29
CA LYS A 415 16.55 -10.18 -10.38
C LYS A 415 15.20 -9.49 -10.42
N ASP A 416 15.14 -8.24 -9.93
CA ASP A 416 14.21 -7.28 -10.47
C ASP A 416 14.85 -5.90 -10.49
N GLY A 417 15.30 -5.43 -11.65
CA GLY A 417 15.38 -4.01 -11.94
C GLY A 417 16.14 -3.10 -10.98
N ARG A 418 16.50 -3.61 -9.80
CA ARG A 418 17.11 -2.79 -8.76
C ARG A 418 18.63 -2.90 -8.81
N ARG A 419 19.12 -3.91 -9.52
CA ARG A 419 20.54 -4.19 -9.58
C ARG A 419 20.88 -4.96 -10.83
N LYS A 420 22.11 -4.79 -11.30
CA LYS A 420 22.72 -5.76 -12.20
C LYS A 420 23.34 -6.81 -11.28
N ILE A 421 23.07 -8.08 -11.55
CA ILE A 421 23.49 -9.15 -10.66
C ILE A 421 24.86 -9.70 -11.03
N LEU A 422 25.72 -9.82 -10.02
CA LEU A 422 27.08 -10.31 -10.20
C LEU A 422 27.05 -11.77 -10.66
N PRO A 423 28.04 -12.19 -11.46
CA PRO A 423 28.05 -13.56 -11.98
C PRO A 423 28.29 -14.56 -10.85
N GLU A 424 28.96 -14.11 -9.80
CA GLU A 424 29.12 -14.88 -8.58
C GLU A 424 27.75 -15.18 -8.00
N GLU A 425 26.88 -14.17 -8.04
CA GLU A 425 25.55 -14.26 -7.45
C GLU A 425 24.51 -14.93 -8.36
N GLU A 426 24.80 -14.99 -9.66
CA GLU A 426 23.84 -15.48 -10.65
C GLU A 426 23.30 -16.85 -10.26
N GLU A 427 24.17 -17.67 -9.68
CA GLU A 427 23.78 -18.98 -9.16
C GLU A 427 22.62 -18.87 -8.18
N TYR A 428 22.89 -18.21 -7.05
CA TYR A 428 21.98 -18.19 -5.91
C TYR A 428 20.68 -17.43 -6.18
N ALA A 429 20.70 -16.53 -7.14
CA ALA A 429 19.51 -15.74 -7.47
C ALA A 429 18.42 -16.63 -8.05
N LEU A 430 18.83 -17.57 -8.89
CA LEU A 430 17.90 -18.43 -9.61
C LEU A 430 17.51 -19.68 -8.81
N SER A 431 18.26 -19.94 -7.74
CA SER A 431 18.06 -21.17 -6.97
C SER A 431 16.64 -21.28 -6.44
N GLY A 432 16.06 -22.46 -6.59
CA GLY A 432 14.73 -22.73 -6.05
C GLY A 432 14.73 -22.59 -4.54
N TRP A 433 15.93 -22.65 -3.95
CA TRP A 433 16.09 -22.46 -2.52
C TRP A 433 16.20 -20.98 -2.15
N ASN A 434 16.12 -20.13 -3.16
CA ASN A 434 15.95 -18.70 -2.92
C ASN A 434 14.48 -18.50 -2.56
N LEU A 435 14.23 -17.98 -1.38
CA LEU A 435 12.88 -17.90 -0.85
C LEU A 435 11.97 -16.99 -1.68
N ASN A 436 12.56 -16.22 -2.57
CA ASN A 436 11.78 -15.43 -3.52
C ASN A 436 11.18 -16.31 -4.60
N ASN A 437 11.92 -17.35 -4.99
CA ASN A 437 11.52 -18.23 -6.09
C ASN A 437 10.50 -19.28 -5.68
N MET A 438 10.56 -19.72 -4.42
CA MET A 438 9.73 -20.81 -3.92
C MET A 438 8.25 -20.70 -4.27
N PRO A 439 7.63 -19.55 -3.99
CA PRO A 439 6.21 -19.34 -4.33
C PRO A 439 5.88 -19.63 -5.79
N VAL A 440 6.82 -19.36 -6.69
CA VAL A 440 6.58 -19.47 -8.13
C VAL A 440 6.93 -20.86 -8.66
N LEU A 441 7.58 -21.68 -7.84
CA LEU A 441 8.01 -23.02 -8.28
C LEU A 441 6.81 -23.84 -8.75
N GLU A 442 7.05 -24.67 -9.76
CA GLU A 442 5.97 -25.37 -10.47
C GLU A 442 5.05 -26.18 -9.58
N GLN A 443 5.57 -26.65 -8.44
CA GLN A 443 4.77 -27.46 -7.53
C GLN A 443 4.04 -26.62 -6.48
N SER A 444 4.34 -25.32 -6.45
CA SER A 444 3.64 -24.41 -5.55
C SER A 444 2.24 -24.13 -6.09
N VAL A 445 1.31 -23.83 -5.18
CA VAL A 445 -0.05 -23.48 -5.56
C VAL A 445 -0.09 -22.01 -5.96
N LEU A 446 0.73 -21.22 -5.25
CA LEU A 446 0.86 -19.78 -5.50
C LEU A 446 1.63 -19.52 -6.80
N ALA A 447 2.02 -20.61 -7.46
CA ALA A 447 2.61 -20.62 -8.80
C ALA A 447 1.55 -20.21 -9.80
N HIS A 448 1.67 -20.63 -11.05
CA HIS A 448 1.29 -19.85 -12.24
C HIS A 448 0.07 -18.93 -12.08
N ILE A 449 -0.82 -19.19 -11.13
CA ILE A 449 -1.91 -18.25 -10.90
C ILE A 449 -1.34 -16.85 -10.68
N ASN A 450 -1.81 -15.90 -11.49
CA ASN A 450 -1.66 -14.50 -11.16
C ASN A 450 -3.07 -14.08 -10.77
N VAL A 451 -3.29 -13.95 -9.47
CA VAL A 451 -4.64 -13.84 -8.95
C VAL A 451 -4.78 -12.72 -7.94
N ASP A 452 -4.15 -12.91 -6.79
CA ASP A 452 -4.30 -12.01 -5.66
C ASP A 452 -3.05 -12.02 -4.81
N ILE A 453 -2.82 -10.92 -4.10
CA ILE A 453 -1.74 -10.86 -3.14
C ILE A 453 -2.16 -11.74 -1.97
N SER A 454 -1.36 -12.76 -1.67
CA SER A 454 -1.66 -13.65 -0.56
C SER A 454 -1.04 -13.09 0.71
N GLY A 455 -0.19 -12.10 0.54
CA GLY A 455 0.52 -11.45 1.62
C GLY A 455 1.83 -12.17 1.87
N MET A 456 1.86 -13.48 1.56
CA MET A 456 3.12 -14.13 1.26
C MET A 456 3.10 -14.73 -0.14
N LYS A 457 3.56 -13.97 -1.12
CA LYS A 457 4.34 -14.46 -2.24
C LYS A 457 5.76 -13.98 -1.96
N VAL A 458 5.88 -13.22 -0.87
CA VAL A 458 7.04 -12.41 -0.60
C VAL A 458 7.58 -12.81 0.76
N PRO A 459 8.92 -12.86 0.91
CA PRO A 459 9.41 -13.23 2.24
C PRO A 459 9.23 -12.14 3.29
N TRP A 460 9.63 -12.47 4.52
CA TRP A 460 9.57 -11.53 5.62
C TRP A 460 10.85 -11.67 6.44
N LEU A 461 11.18 -10.63 7.19
CA LEU A 461 12.45 -10.59 7.91
C LEU A 461 12.24 -10.49 9.41
N TYR A 462 13.05 -11.25 10.14
CA TYR A 462 13.09 -11.16 11.59
C TYR A 462 14.53 -10.96 12.04
N VAL A 463 14.80 -9.77 12.57
CA VAL A 463 16.10 -9.49 13.16
C VAL A 463 15.96 -9.82 14.64
N GLY A 464 17.02 -10.33 15.23
CA GLY A 464 16.91 -10.95 16.54
C GLY A 464 18.10 -10.71 17.43
N MET A 465 17.92 -11.05 18.70
CA MET A 465 18.80 -10.64 19.77
C MET A 465 18.99 -11.84 20.68
N CYS A 466 19.70 -11.64 21.78
CA CYS A 466 19.71 -12.65 22.83
C CYS A 466 18.35 -12.59 23.51
N PHE A 467 17.71 -13.76 23.64
CA PHE A 467 16.42 -13.93 24.33
C PHE A 467 15.17 -13.46 23.56
N SER A 468 15.34 -12.80 22.42
CA SER A 468 14.17 -12.36 21.65
C SER A 468 13.41 -13.60 21.16
N SER A 469 12.09 -13.56 21.26
CA SER A 469 11.26 -14.76 21.14
C SER A 469 10.07 -14.58 20.22
N PHE A 470 9.49 -15.71 19.79
CA PHE A 470 8.22 -15.72 19.07
C PHE A 470 7.34 -16.84 19.62
N CYS A 471 6.13 -16.47 20.04
CA CYS A 471 5.23 -17.35 20.77
C CYS A 471 4.62 -18.46 19.91
N TRP A 472 4.08 -19.47 20.58
CA TRP A 472 3.40 -20.58 19.92
C TRP A 472 2.38 -20.07 18.92
N HIS A 473 2.34 -20.71 17.75
CA HIS A 473 1.42 -20.32 16.69
C HIS A 473 1.51 -21.28 15.53
N ILE A 474 0.48 -21.23 14.68
CA ILE A 474 0.46 -21.94 13.42
C ILE A 474 0.30 -20.89 12.33
N GLU A 475 0.88 -21.13 11.16
CA GLU A 475 0.80 -20.17 10.09
C GLU A 475 -0.63 -20.08 9.56
N ASP A 476 -1.01 -18.90 9.07
CA ASP A 476 -2.36 -18.68 8.56
C ASP A 476 -2.70 -19.69 7.48
N HIS A 477 -3.93 -20.20 7.53
CA HIS A 477 -4.42 -21.23 6.62
C HIS A 477 -3.61 -22.53 6.68
N TRP A 478 -2.94 -22.76 7.81
CA TRP A 478 -2.25 -24.02 8.11
C TRP A 478 -1.45 -24.62 6.95
N SER A 479 -0.39 -23.96 6.48
CA SER A 479 0.32 -24.53 5.33
C SER A 479 1.79 -24.86 5.56
N TYR A 480 2.67 -23.88 5.46
CA TYR A 480 4.09 -24.12 5.64
C TYR A 480 4.78 -22.83 5.97
N SER A 481 5.93 -22.94 6.62
CA SER A 481 6.85 -21.82 6.72
C SER A 481 8.28 -22.34 6.56
N ILE A 482 9.00 -21.87 5.55
CA ILE A 482 10.41 -22.21 5.40
C ILE A 482 11.29 -21.03 5.82
N ASN A 483 12.09 -21.26 6.86
CA ASN A 483 12.88 -20.18 7.47
C ASN A 483 14.36 -20.42 7.26
N TYR A 484 15.05 -19.42 6.70
CA TYR A 484 16.48 -19.49 6.47
C TYR A 484 17.21 -18.46 7.32
N LEU A 485 18.07 -18.93 8.23
CA LEU A 485 18.89 -18.04 9.03
C LEU A 485 20.08 -17.59 8.19
N HIS A 486 20.18 -16.29 7.94
CA HIS A 486 21.22 -15.76 7.07
C HIS A 486 22.58 -15.75 7.74
N TRP A 487 22.64 -15.23 8.98
CA TRP A 487 23.89 -15.19 9.72
C TRP A 487 23.66 -14.89 11.19
N GLY A 488 24.74 -14.85 11.95
CA GLY A 488 24.68 -14.51 13.36
C GLY A 488 24.61 -15.75 14.24
N GLU A 489 24.19 -15.55 15.47
CA GLU A 489 24.14 -16.63 16.45
C GLU A 489 22.82 -17.42 16.28
N PRO A 490 22.82 -18.70 16.66
CA PRO A 490 21.75 -19.63 16.25
C PRO A 490 20.36 -19.28 16.80
N LYS A 491 19.34 -19.90 16.21
CA LYS A 491 17.95 -19.69 16.61
C LYS A 491 17.35 -21.01 17.12
N THR A 492 16.79 -20.97 18.33
CA THR A 492 16.22 -22.15 18.97
C THR A 492 14.74 -22.29 18.62
N TRP A 493 14.34 -23.52 18.29
CA TRP A 493 12.96 -23.82 17.87
C TRP A 493 12.30 -24.84 18.78
N TYR A 494 10.97 -24.76 18.87
CA TYR A 494 10.18 -25.82 19.46
C TYR A 494 8.96 -26.09 18.58
N GLY A 495 8.92 -27.28 17.97
CA GLY A 495 7.81 -27.66 17.09
C GLY A 495 6.87 -28.68 17.68
N VAL A 496 5.74 -28.90 16.99
CA VAL A 496 4.78 -29.95 17.36
C VAL A 496 4.16 -30.55 16.08
N PRO A 497 3.89 -31.86 16.09
CA PRO A 497 3.24 -32.48 14.92
C PRO A 497 1.81 -32.01 14.67
N SER A 498 1.33 -32.19 13.45
CA SER A 498 -0.01 -31.73 13.07
C SER A 498 -1.10 -32.61 13.69
N HIS A 499 -0.75 -33.84 14.04
CA HIS A 499 -1.70 -34.77 14.64
C HIS A 499 -1.91 -34.48 16.13
N ALA A 500 -0.95 -33.77 16.72
CA ALA A 500 -1.00 -33.40 18.14
C ALA A 500 -1.58 -31.99 18.32
N ALA A 501 -2.00 -31.37 17.21
CA ALA A 501 -2.47 -29.99 17.22
C ALA A 501 -3.73 -29.84 18.06
N GLU A 502 -4.73 -30.67 17.79
CA GLU A 502 -5.99 -30.60 18.50
C GLU A 502 -5.78 -30.91 19.98
N GLN A 503 -4.82 -31.78 20.26
CA GLN A 503 -4.45 -32.13 21.61
C GLN A 503 -3.77 -30.96 22.31
N LEU A 504 -2.98 -30.21 21.55
CA LEU A 504 -2.24 -29.07 22.09
C LEU A 504 -3.19 -27.99 22.61
N GLU A 505 -4.06 -27.50 21.73
CA GLU A 505 -4.99 -26.44 22.06
C GLU A 505 -5.83 -26.79 23.28
N GLU A 506 -6.08 -28.09 23.45
CA GLU A 506 -6.93 -28.60 24.52
C GLU A 506 -6.39 -28.24 25.90
N VAL A 507 -5.07 -28.30 26.09
CA VAL A 507 -4.48 -28.10 27.40
C VAL A 507 -4.41 -26.62 27.76
N MET A 508 -4.22 -25.77 26.76
CA MET A 508 -4.21 -24.33 26.96
C MET A 508 -5.63 -23.87 27.28
N ARG A 509 -6.59 -24.67 26.84
CA ARG A 509 -8.01 -24.39 27.02
C ARG A 509 -8.46 -24.75 28.43
N GLU A 510 -7.75 -25.70 29.05
CA GLU A 510 -8.06 -26.13 30.40
C GLU A 510 -7.89 -25.01 31.41
N LEU A 511 -7.17 -23.96 31.02
CA LEU A 511 -6.88 -22.85 31.92
C LEU A 511 -8.11 -21.98 32.17
N ALA A 512 -8.87 -21.73 31.11
CA ALA A 512 -10.11 -20.96 31.24
C ALA A 512 -11.20 -21.49 30.31
N PRO A 513 -11.73 -22.70 30.62
CA PRO A 513 -12.75 -23.33 29.76
C PRO A 513 -14.01 -22.49 29.61
N GLU A 514 -14.51 -21.94 30.72
CA GLU A 514 -15.71 -21.10 30.69
C GLU A 514 -15.52 -19.89 29.80
N LEU A 515 -14.35 -19.29 29.90
CA LEU A 515 -14.02 -18.09 29.13
C LEU A 515 -13.91 -18.39 27.63
N PHE A 516 -13.18 -19.46 27.31
CA PHE A 516 -12.93 -19.83 25.92
C PHE A 516 -14.19 -20.31 25.21
N GLU A 517 -15.22 -20.65 25.98
CA GLU A 517 -16.50 -21.03 25.40
C GLU A 517 -17.12 -19.82 24.71
N SER A 518 -17.15 -18.70 25.42
CA SER A 518 -17.73 -17.47 24.89
C SER A 518 -16.85 -16.84 23.82
N GLN A 519 -15.55 -17.09 23.92
CA GLN A 519 -14.57 -16.53 23.00
C GLN A 519 -13.68 -17.65 22.44
N PRO A 520 -14.22 -18.45 21.51
CA PRO A 520 -13.49 -19.59 20.94
C PRO A 520 -12.15 -19.19 20.31
N ASP A 521 -12.12 -18.08 19.59
CA ASP A 521 -10.92 -17.67 18.86
C ASP A 521 -9.97 -16.86 19.74
N LEU A 522 -10.43 -16.45 20.91
CA LEU A 522 -9.59 -15.72 21.85
C LEU A 522 -8.39 -16.57 22.27
N LEU A 523 -8.55 -17.88 22.15
CA LEU A 523 -7.48 -18.82 22.45
C LEU A 523 -6.27 -18.54 21.57
N HIS A 524 -6.52 -18.36 20.27
CA HIS A 524 -5.45 -18.08 19.32
C HIS A 524 -4.99 -16.63 19.44
N GLN A 525 -5.92 -15.73 19.68
CA GLN A 525 -5.62 -14.31 19.82
C GLN A 525 -4.59 -14.07 20.92
N LEU A 526 -4.78 -14.72 22.06
CA LEU A 526 -3.87 -14.58 23.18
C LEU A 526 -2.55 -15.30 22.90
N VAL A 527 -1.45 -14.57 23.07
CA VAL A 527 -0.13 -15.15 22.90
C VAL A 527 0.25 -15.90 24.16
N THR A 528 0.88 -17.05 23.99
CA THR A 528 1.35 -17.83 25.11
C THR A 528 2.67 -18.50 24.80
N ILE A 529 3.59 -18.44 25.75
CA ILE A 529 4.72 -19.36 25.76
C ILE A 529 4.50 -20.32 26.92
N MET A 530 4.11 -21.54 26.59
CA MET A 530 3.88 -22.57 27.59
C MET A 530 5.12 -23.45 27.58
N ASN A 531 5.77 -23.55 28.73
CA ASN A 531 7.02 -24.30 28.85
C ASN A 531 6.83 -25.72 28.30
N PRO A 532 7.75 -26.17 27.41
CA PRO A 532 7.66 -27.51 26.81
C PRO A 532 7.45 -28.63 27.82
N ASN A 533 8.14 -28.55 28.95
CA ASN A 533 8.04 -29.58 29.99
C ASN A 533 6.59 -29.82 30.40
N VAL A 534 5.77 -28.77 30.27
CA VAL A 534 4.36 -28.83 30.65
C VAL A 534 3.54 -29.55 29.57
N LEU A 535 3.79 -29.21 28.32
CA LEU A 535 3.08 -29.83 27.21
C LEU A 535 3.45 -31.30 27.11
N MET A 536 4.70 -31.60 27.44
CA MET A 536 5.18 -32.97 27.44
C MET A 536 4.50 -33.78 28.55
N GLU A 537 4.44 -33.20 29.76
CA GLU A 537 3.84 -33.89 30.89
C GLU A 537 2.31 -33.92 30.77
N HIS A 538 1.78 -33.16 29.82
CA HIS A 538 0.37 -33.24 29.45
C HIS A 538 0.15 -34.17 28.26
N GLY A 539 1.25 -34.77 27.77
CA GLY A 539 1.17 -35.82 26.76
C GLY A 539 1.29 -35.33 25.33
N VAL A 540 1.80 -34.10 25.15
CA VAL A 540 1.95 -33.53 23.81
C VAL A 540 3.37 -33.80 23.29
N PRO A 541 3.49 -34.33 22.06
CA PRO A 541 4.84 -34.45 21.48
C PRO A 541 5.47 -33.08 21.29
N VAL A 542 6.69 -32.90 21.81
CA VAL A 542 7.42 -31.66 21.64
C VAL A 542 8.86 -31.94 21.24
N TYR A 543 9.22 -31.53 20.02
CA TYR A 543 10.58 -31.68 19.53
C TYR A 543 11.28 -30.33 19.49
N ARG A 544 12.54 -30.32 19.04
CA ARG A 544 13.31 -29.09 19.00
C ARG A 544 14.56 -29.23 18.13
N THR A 545 15.32 -28.15 18.02
CA THR A 545 16.59 -28.16 17.30
C THR A 545 17.26 -26.79 17.37
N ASN A 546 18.54 -26.75 17.03
CA ASN A 546 19.29 -25.51 16.96
C ASN A 546 19.55 -25.12 15.52
N GLN A 547 18.91 -24.05 15.06
CA GLN A 547 19.11 -23.56 13.70
C GLN A 547 20.36 -22.71 13.66
N CYS A 548 21.32 -23.11 12.82
CA CYS A 548 22.58 -22.40 12.69
C CYS A 548 22.64 -21.71 11.34
N ALA A 549 23.43 -20.65 11.25
CA ALA A 549 23.49 -19.82 10.05
C ALA A 549 23.76 -20.67 8.81
N GLY A 550 22.94 -20.47 7.78
CA GLY A 550 23.06 -21.21 6.54
C GLY A 550 22.21 -22.47 6.50
N GLU A 551 21.37 -22.65 7.52
CA GLU A 551 20.48 -23.81 7.59
C GLU A 551 19.02 -23.36 7.44
N PHE A 552 18.20 -24.28 6.91
CA PHE A 552 16.78 -24.03 6.69
C PHE A 552 15.95 -24.72 7.77
N VAL A 553 14.81 -24.11 8.11
CA VAL A 553 13.82 -24.76 8.97
C VAL A 553 12.48 -24.79 8.26
N VAL A 554 11.93 -25.99 8.10
CA VAL A 554 10.66 -26.17 7.42
C VAL A 554 9.54 -26.45 8.41
N THR A 555 8.43 -25.73 8.26
CA THR A 555 7.25 -25.92 9.09
C THR A 555 6.17 -26.65 8.30
N PHE A 556 5.63 -27.72 8.88
CA PHE A 556 4.56 -28.48 8.24
C PHE A 556 3.17 -27.97 8.65
N PRO A 557 2.14 -28.29 7.83
CA PRO A 557 0.78 -27.79 8.07
C PRO A 557 0.28 -28.01 9.49
N ARG A 558 -0.28 -26.96 10.07
CA ARG A 558 -0.81 -26.99 11.44
C ARG A 558 0.21 -27.53 12.44
N ALA A 559 1.47 -27.19 12.23
CA ALA A 559 2.50 -27.51 13.21
C ALA A 559 2.68 -26.30 14.12
N TYR A 560 2.26 -26.43 15.37
CA TYR A 560 2.46 -25.37 16.36
C TYR A 560 3.95 -25.21 16.58
N HIS A 561 4.43 -23.98 16.57
CA HIS A 561 5.85 -23.74 16.77
C HIS A 561 6.11 -22.41 17.48
N SER A 562 7.14 -22.41 18.33
CA SER A 562 7.60 -21.22 19.01
C SER A 562 9.11 -21.29 19.10
N GLY A 563 9.73 -20.28 19.69
CA GLY A 563 11.18 -20.28 19.86
C GLY A 563 11.74 -18.94 20.25
N PHE A 564 13.06 -18.92 20.46
CA PHE A 564 13.77 -17.70 20.83
C PHE A 564 15.14 -17.70 20.17
N ASN A 565 15.80 -16.55 20.18
CA ASN A 565 17.12 -16.39 19.57
C ASN A 565 18.24 -16.47 20.60
N GLN A 566 19.36 -17.07 20.19
CA GLN A 566 20.51 -17.25 21.07
C GLN A 566 21.28 -15.94 21.21
N GLY A 567 21.25 -15.13 20.16
CA GLY A 567 21.99 -13.88 20.14
C GLY A 567 21.72 -13.11 18.86
N TYR A 568 22.59 -12.14 18.57
CA TYR A 568 22.43 -11.30 17.38
C TYR A 568 22.42 -12.13 16.11
N ASN A 569 21.39 -11.96 15.30
CA ASN A 569 21.27 -12.70 14.04
C ASN A 569 20.31 -12.06 13.05
N PHE A 570 20.13 -12.72 11.91
CA PHE A 570 19.27 -12.24 10.85
C PHE A 570 18.64 -13.44 10.16
N ALA A 571 17.35 -13.34 9.82
CA ALA A 571 16.63 -14.47 9.24
C ALA A 571 15.57 -14.00 8.24
N GLU A 572 15.20 -14.91 7.33
CA GLU A 572 14.21 -14.63 6.30
C GLU A 572 13.29 -15.83 6.14
N ALA A 573 12.01 -15.56 5.88
CA ALA A 573 11.00 -16.62 5.85
C ALA A 573 9.88 -16.33 4.86
N VAL A 574 9.27 -17.40 4.36
CA VAL A 574 8.05 -17.31 3.56
C VAL A 574 7.19 -18.51 3.87
N ASN A 575 5.89 -18.37 3.65
CA ASN A 575 4.99 -19.51 3.67
C ASN A 575 4.84 -20.02 2.25
N PHE A 576 4.12 -21.12 2.10
CA PHE A 576 3.91 -21.72 0.79
C PHE A 576 2.97 -22.91 0.92
N CYS A 577 2.47 -23.37 -0.22
CA CYS A 577 1.47 -24.43 -0.25
C CYS A 577 1.86 -25.49 -1.27
N THR A 578 1.42 -26.72 -1.03
CA THR A 578 1.72 -27.84 -1.91
C THR A 578 0.49 -28.72 -2.07
N ALA A 579 0.55 -29.65 -3.02
CA ALA A 579 -0.57 -30.52 -3.36
C ALA A 579 -1.18 -31.17 -2.11
N ASP A 580 -0.32 -31.65 -1.22
CA ASP A 580 -0.78 -32.37 -0.04
C ASP A 580 -1.52 -31.45 0.93
N TRP A 581 -1.25 -30.15 0.84
CA TRP A 581 -1.87 -29.18 1.75
C TRP A 581 -3.32 -28.87 1.40
N LEU A 582 -3.66 -28.93 0.11
CA LEU A 582 -4.96 -28.51 -0.40
C LEU A 582 -6.15 -28.97 0.46
N PRO A 583 -6.25 -30.28 0.73
CA PRO A 583 -7.38 -30.75 1.55
C PRO A 583 -7.35 -30.19 2.97
N ILE A 584 -6.17 -29.86 3.47
CA ILE A 584 -6.04 -29.29 4.82
C ILE A 584 -6.42 -27.82 4.79
N GLY A 585 -6.13 -27.15 3.68
CA GLY A 585 -6.51 -25.77 3.50
C GLY A 585 -8.02 -25.66 3.53
N ARG A 586 -8.69 -26.57 2.83
CA ARG A 586 -10.15 -26.63 2.82
C ARG A 586 -10.68 -26.88 4.23
N GLN A 587 -10.05 -27.79 4.94
CA GLN A 587 -10.43 -28.13 6.31
C GLN A 587 -10.21 -26.93 7.23
N CYS A 588 -9.18 -26.14 6.95
CA CYS A 588 -8.86 -24.98 7.77
C CYS A 588 -9.96 -23.94 7.72
N VAL A 589 -10.45 -23.66 6.52
CA VAL A 589 -11.54 -22.69 6.33
C VAL A 589 -12.74 -23.12 7.16
N ASN A 590 -13.06 -24.41 7.10
CA ASN A 590 -14.16 -24.97 7.86
C ASN A 590 -13.99 -24.69 9.35
N HIS A 591 -12.73 -24.64 9.80
CA HIS A 591 -12.45 -24.29 11.19
C HIS A 591 -12.52 -22.77 11.39
N TYR A 592 -11.89 -22.01 10.49
CA TYR A 592 -11.96 -20.55 10.54
C TYR A 592 -13.41 -20.09 10.44
N ARG A 593 -14.24 -20.91 9.79
CA ARG A 593 -15.67 -20.63 9.69
C ARG A 593 -16.40 -20.99 10.98
N ARG A 594 -15.93 -22.04 11.66
CA ARG A 594 -16.56 -22.48 12.90
C ARG A 594 -16.12 -21.60 14.08
N LEU A 595 -14.97 -20.95 13.92
CA LEU A 595 -14.64 -19.80 14.75
C LEU A 595 -15.28 -18.61 14.06
N ARG A 596 -14.99 -17.41 14.54
CA ARG A 596 -15.19 -16.23 13.72
C ARG A 596 -13.79 -15.71 13.43
N ARG A 597 -13.34 -15.95 12.22
CA ARG A 597 -11.95 -15.73 11.84
C ARG A 597 -11.89 -15.24 10.41
N HIS A 598 -11.14 -14.17 10.19
CA HIS A 598 -11.05 -13.58 8.85
C HIS A 598 -10.05 -14.35 7.99
N CYS A 599 -10.54 -14.89 6.89
CA CYS A 599 -9.71 -15.66 5.96
C CYS A 599 -8.91 -14.70 5.10
N VAL A 600 -7.61 -14.97 4.98
CA VAL A 600 -6.73 -14.11 4.20
C VAL A 600 -6.95 -14.30 2.70
N PHE A 601 -7.78 -15.27 2.35
CA PHE A 601 -8.20 -15.49 0.96
C PHE A 601 -9.24 -16.61 0.92
N SER A 602 -9.88 -16.77 -0.23
CA SER A 602 -10.89 -17.81 -0.41
C SER A 602 -10.25 -19.06 -0.98
N HIS A 603 -10.26 -20.13 -0.20
CA HIS A 603 -9.63 -21.40 -0.57
C HIS A 603 -10.27 -21.97 -1.84
N GLU A 604 -11.57 -21.82 -1.96
CA GLU A 604 -12.30 -22.35 -3.10
C GLU A 604 -11.96 -21.58 -4.38
N GLU A 605 -11.89 -20.25 -4.28
CA GLU A 605 -11.53 -19.41 -5.43
C GLU A 605 -10.17 -19.83 -5.99
N LEU A 606 -9.24 -20.08 -5.08
CA LEU A 606 -7.91 -20.53 -5.43
C LEU A 606 -7.98 -21.76 -6.32
N ILE A 607 -8.80 -22.72 -5.90
CA ILE A 607 -8.92 -24.01 -6.57
C ILE A 607 -9.42 -23.87 -8.01
N PHE A 608 -10.33 -22.93 -8.23
CA PHE A 608 -10.92 -22.74 -9.56
C PHE A 608 -9.98 -21.97 -10.50
N LYS A 609 -9.15 -21.09 -9.94
CA LYS A 609 -8.19 -20.35 -10.74
C LYS A 609 -7.15 -21.31 -11.31
N MET A 610 -6.85 -22.36 -10.56
CA MET A 610 -5.93 -23.40 -11.01
C MET A 610 -6.61 -24.29 -12.04
N ALA A 611 -7.84 -24.69 -11.72
CA ALA A 611 -8.64 -25.54 -12.60
C ALA A 611 -8.84 -24.87 -13.96
N ALA A 612 -8.79 -23.53 -13.96
CA ALA A 612 -9.03 -22.76 -15.17
C ALA A 612 -7.81 -22.70 -16.09
N ASP A 613 -6.68 -23.23 -15.61
CA ASP A 613 -5.47 -23.30 -16.41
C ASP A 613 -4.81 -24.67 -16.23
N PRO A 614 -5.46 -25.72 -16.74
CA PRO A 614 -5.02 -27.10 -16.51
C PRO A 614 -3.62 -27.41 -17.04
N GLU A 615 -3.29 -26.95 -18.24
CA GLU A 615 -1.96 -27.17 -18.80
C GLU A 615 -0.93 -26.36 -18.02
N CYS A 616 0.33 -26.78 -18.12
CA CYS A 616 1.44 -26.12 -17.42
C CYS A 616 1.19 -26.04 -15.92
N LEU A 617 0.35 -26.94 -15.43
CA LEU A 617 0.03 -27.04 -14.00
C LEU A 617 0.50 -28.40 -13.55
N ASP A 618 1.29 -28.44 -12.48
CA ASP A 618 1.92 -29.68 -12.04
C ASP A 618 0.88 -30.79 -11.86
N VAL A 619 1.19 -31.95 -12.44
CA VAL A 619 0.24 -33.06 -12.52
C VAL A 619 -0.28 -33.52 -11.16
N GLY A 620 0.53 -33.37 -10.13
CA GLY A 620 0.13 -33.77 -8.79
C GLY A 620 -0.98 -32.89 -8.26
N LEU A 621 -0.88 -31.58 -8.52
CA LEU A 621 -1.92 -30.63 -8.16
C LEU A 621 -3.22 -31.02 -8.85
N ALA A 622 -3.14 -31.24 -10.15
CA ALA A 622 -4.31 -31.57 -10.97
C ALA A 622 -5.05 -32.79 -10.42
N ALA A 623 -4.31 -33.86 -10.16
CA ALA A 623 -4.90 -35.08 -9.62
C ALA A 623 -5.57 -34.80 -8.29
N MET A 624 -4.91 -34.00 -7.46
CA MET A 624 -5.45 -33.63 -6.15
C MET A 624 -6.68 -32.74 -6.31
N VAL A 625 -6.60 -31.79 -7.24
CA VAL A 625 -7.67 -30.82 -7.46
C VAL A 625 -8.99 -31.52 -7.75
N CYS A 626 -8.97 -32.47 -8.69
CA CYS A 626 -10.18 -33.22 -9.05
C CYS A 626 -10.75 -33.93 -7.83
N LYS A 627 -9.87 -34.49 -7.00
CA LYS A 627 -10.29 -35.17 -5.78
C LYS A 627 -10.87 -34.16 -4.78
N GLU A 628 -10.28 -32.96 -4.76
CA GLU A 628 -10.72 -31.89 -3.87
C GLU A 628 -11.96 -31.19 -4.41
N LEU A 629 -11.99 -30.97 -5.72
CA LEU A 629 -13.03 -30.17 -6.36
C LEU A 629 -14.37 -30.90 -6.37
N THR A 630 -14.33 -32.19 -6.71
CA THR A 630 -15.54 -33.01 -6.72
C THR A 630 -16.25 -32.97 -5.37
N LEU A 631 -15.47 -32.97 -4.30
CA LEU A 631 -16.00 -32.89 -2.95
C LEU A 631 -16.76 -31.58 -2.77
N MET A 632 -16.28 -30.53 -3.44
CA MET A 632 -16.86 -29.20 -3.32
C MET A 632 -18.11 -29.03 -4.18
N THR A 633 -18.11 -29.65 -5.36
CA THR A 633 -19.30 -29.64 -6.22
C THR A 633 -20.47 -30.29 -5.49
N GLU A 634 -20.19 -31.40 -4.83
CA GLU A 634 -21.19 -32.11 -4.03
C GLU A 634 -21.70 -31.24 -2.90
N GLU A 635 -20.76 -30.77 -2.07
CA GLU A 635 -21.10 -29.99 -0.88
C GLU A 635 -21.84 -28.71 -1.25
N GLU A 636 -21.45 -28.09 -2.35
CA GLU A 636 -22.07 -26.85 -2.80
C GLU A 636 -23.47 -27.12 -3.34
N THR A 637 -23.59 -28.14 -4.18
CA THR A 637 -24.88 -28.53 -4.75
C THR A 637 -25.83 -28.94 -3.63
N ARG A 638 -25.28 -29.46 -2.55
CA ARG A 638 -26.07 -29.79 -1.37
C ARG A 638 -26.56 -28.50 -0.72
N LEU A 639 -25.66 -27.53 -0.62
CA LEU A 639 -25.98 -26.21 -0.06
C LEU A 639 -26.85 -25.41 -1.02
N ARG A 640 -26.74 -25.72 -2.31
CA ARG A 640 -27.47 -25.00 -3.34
C ARG A 640 -28.93 -25.43 -3.40
N GLU A 641 -29.18 -26.73 -3.23
CA GLU A 641 -30.53 -27.27 -3.22
C GLU A 641 -31.19 -27.07 -1.85
N SER A 642 -30.36 -26.90 -0.82
CA SER A 642 -30.86 -26.74 0.54
C SER A 642 -31.60 -25.42 0.70
N VAL A 643 -31.14 -24.39 0.00
CA VAL A 643 -31.64 -23.03 0.22
C VAL A 643 -32.97 -22.73 -0.49
N VAL A 644 -33.30 -23.50 -1.53
CA VAL A 644 -34.57 -23.26 -2.24
C VAL A 644 -35.76 -23.71 -1.41
N GLN A 645 -35.56 -24.77 -0.60
CA GLN A 645 -36.58 -25.23 0.33
C GLN A 645 -36.91 -24.12 1.32
N MET A 646 -35.88 -23.34 1.68
CA MET A 646 -36.05 -22.25 2.62
C MET A 646 -36.96 -21.16 2.05
N GLY A 647 -37.30 -21.27 0.77
CA GLY A 647 -38.14 -20.30 0.09
C GLY A 647 -37.45 -19.05 -0.45
N VAL A 648 -36.29 -19.24 -1.07
CA VAL A 648 -35.68 -18.23 -1.93
C VAL A 648 -35.99 -18.59 -3.38
N LEU A 649 -36.18 -17.58 -4.22
CA LEU A 649 -36.63 -17.80 -5.59
C LEU A 649 -35.62 -17.28 -6.62
N MET A 650 -35.50 -15.95 -6.70
CA MET A 650 -34.65 -15.33 -7.70
C MET A 650 -33.19 -15.70 -7.45
N SER A 651 -32.45 -15.90 -8.53
CA SER A 651 -31.03 -16.19 -8.45
C SER A 651 -30.26 -15.23 -9.34
N GLU A 652 -29.47 -14.36 -8.71
CA GLU A 652 -28.60 -13.47 -9.46
C GLU A 652 -27.28 -14.21 -9.66
N GLU A 653 -26.36 -13.60 -10.40
CA GLU A 653 -25.04 -14.17 -10.62
C GLU A 653 -24.01 -13.07 -10.53
N GLU A 654 -23.00 -13.28 -9.71
CA GLU A 654 -21.99 -12.25 -9.45
C GLU A 654 -20.57 -12.79 -9.55
N VAL A 655 -19.64 -11.90 -9.81
CA VAL A 655 -18.22 -12.23 -9.85
C VAL A 655 -17.63 -11.78 -8.52
N PHE A 656 -17.32 -12.73 -7.67
CA PHE A 656 -16.92 -12.43 -6.29
C PHE A 656 -15.47 -11.98 -6.18
N GLU A 657 -14.60 -12.66 -6.93
CA GLU A 657 -13.18 -12.34 -6.93
C GLU A 657 -12.91 -10.86 -7.25
N LEU A 658 -13.78 -10.26 -8.06
CA LEU A 658 -13.60 -8.88 -8.47
C LEU A 658 -14.13 -7.89 -7.43
N VAL A 659 -14.89 -8.39 -6.47
CA VAL A 659 -15.32 -7.57 -5.33
C VAL A 659 -14.29 -7.77 -4.21
N PRO A 660 -13.99 -6.69 -3.46
CA PRO A 660 -13.02 -6.78 -2.36
C PRO A 660 -13.43 -7.78 -1.28
N ASP A 661 -12.44 -8.40 -0.64
CA ASP A 661 -12.67 -9.46 0.34
C ASP A 661 -13.66 -9.09 1.45
N ASP A 662 -13.43 -7.96 2.10
CA ASP A 662 -14.22 -7.57 3.27
C ASP A 662 -15.70 -7.40 2.94
N GLU A 663 -16.01 -7.12 1.67
CA GLU A 663 -17.39 -6.97 1.23
C GLU A 663 -18.07 -8.32 1.00
N ARG A 664 -17.31 -9.28 0.49
CA ARG A 664 -17.86 -10.58 0.11
C ARG A 664 -17.84 -11.57 1.28
N GLN A 665 -17.49 -11.09 2.47
CA GLN A 665 -17.51 -11.94 3.65
C GLN A 665 -18.94 -12.23 4.04
N CYS A 666 -19.10 -12.98 5.13
CA CYS A 666 -20.40 -13.39 5.62
C CYS A 666 -20.77 -12.56 6.83
N SER A 667 -22.08 -12.32 7.01
CA SER A 667 -22.58 -11.52 8.14
C SER A 667 -21.94 -12.03 9.43
N ALA A 668 -22.35 -13.21 9.87
CA ALA A 668 -21.55 -13.97 10.82
C ALA A 668 -21.13 -15.28 10.18
N CYS A 669 -19.86 -15.34 9.79
CA CYS A 669 -19.22 -16.61 9.48
C CYS A 669 -17.84 -16.65 10.17
N ARG A 670 -16.90 -15.73 9.86
CA ARG A 670 -17.00 -14.74 8.80
C ARG A 670 -16.00 -15.18 7.74
N THR A 671 -16.52 -15.58 6.59
CA THR A 671 -15.72 -16.27 5.59
C THR A 671 -15.90 -15.58 4.25
N THR A 672 -14.81 -15.51 3.49
CA THR A 672 -14.87 -14.91 2.17
C THR A 672 -15.71 -15.82 1.29
N CYS A 673 -16.79 -15.28 0.74
CA CYS A 673 -17.71 -16.05 -0.08
C CYS A 673 -17.33 -15.91 -1.54
N PHE A 674 -17.27 -17.03 -2.23
CA PHE A 674 -16.90 -17.04 -3.65
C PHE A 674 -17.89 -17.82 -4.48
N LEU A 675 -18.00 -19.11 -4.21
CA LEU A 675 -18.89 -19.99 -4.96
C LEU A 675 -20.34 -19.54 -4.87
N SER A 676 -20.71 -18.95 -3.73
CA SER A 676 -22.08 -18.52 -3.51
C SER A 676 -22.26 -17.83 -2.18
N ALA A 677 -23.38 -17.11 -2.06
CA ALA A 677 -23.78 -16.47 -0.81
C ALA A 677 -25.22 -16.02 -0.99
N LEU A 678 -25.81 -15.44 0.06
CA LEU A 678 -27.21 -15.05 0.02
C LEU A 678 -27.38 -13.58 0.37
N THR A 679 -28.11 -12.87 -0.47
CA THR A 679 -28.41 -11.46 -0.25
C THR A 679 -29.92 -11.24 -0.17
N CYS A 680 -30.33 -10.17 0.49
CA CYS A 680 -31.70 -9.70 0.43
C CYS A 680 -31.69 -8.17 0.37
N SER A 681 -32.87 -7.57 0.31
CA SER A 681 -32.99 -6.13 0.09
C SER A 681 -32.97 -5.31 1.38
N CYS A 682 -32.94 -5.99 2.52
CA CYS A 682 -32.85 -5.30 3.81
C CYS A 682 -31.65 -4.36 3.82
N ASN A 683 -30.56 -4.84 3.24
CA ASN A 683 -29.35 -4.02 3.06
C ASN A 683 -28.95 -4.06 1.59
N PRO A 684 -28.43 -2.94 1.06
CA PRO A 684 -27.98 -3.00 -0.35
C PRO A 684 -26.87 -4.02 -0.50
N GLU A 685 -25.87 -3.92 0.37
CA GLU A 685 -24.88 -4.97 0.51
C GLU A 685 -24.66 -5.33 1.98
N ARG A 686 -25.12 -6.51 2.35
CA ARG A 686 -24.66 -7.21 3.54
C ARG A 686 -24.87 -8.67 3.17
N LEU A 687 -23.92 -9.52 3.54
CA LEU A 687 -23.86 -10.84 2.93
C LEU A 687 -23.70 -11.94 3.96
N VAL A 688 -24.12 -13.14 3.57
CA VAL A 688 -24.05 -14.30 4.44
C VAL A 688 -23.66 -15.54 3.65
N CYS A 689 -22.74 -16.32 4.21
CA CYS A 689 -22.24 -17.54 3.58
C CYS A 689 -23.33 -18.62 3.64
N LEU A 690 -23.44 -19.45 2.59
CA LEU A 690 -24.56 -20.38 2.45
C LEU A 690 -24.68 -21.39 3.61
N TYR A 691 -23.64 -21.52 4.42
CA TYR A 691 -23.73 -22.34 5.62
C TYR A 691 -24.61 -21.66 6.66
N HIS A 692 -24.84 -20.36 6.49
CA HIS A 692 -25.56 -19.55 7.46
C HIS A 692 -26.56 -18.60 6.78
N PRO A 693 -27.55 -19.16 6.06
CA PRO A 693 -28.54 -18.37 5.32
C PRO A 693 -29.53 -17.64 6.22
N THR A 694 -29.74 -18.17 7.42
CA THR A 694 -30.78 -17.67 8.31
C THR A 694 -30.42 -16.34 8.96
N ASP A 695 -29.12 -16.03 9.01
CA ASP A 695 -28.63 -14.89 9.79
C ASP A 695 -28.52 -13.61 8.96
N LEU A 696 -28.95 -13.66 7.71
CA LEU A 696 -28.89 -12.50 6.84
C LEU A 696 -29.75 -11.37 7.42
N CYS A 697 -31.03 -11.64 7.62
CA CYS A 697 -31.94 -10.66 8.20
C CYS A 697 -33.19 -11.38 8.71
N PRO A 698 -34.07 -10.66 9.43
CA PRO A 698 -35.39 -11.24 9.72
C PRO A 698 -36.28 -11.38 8.49
N CYS A 699 -35.96 -10.69 7.40
CA CYS A 699 -36.80 -10.73 6.20
C CYS A 699 -37.05 -12.19 5.82
N PRO A 700 -38.33 -12.59 5.69
CA PRO A 700 -38.60 -13.99 5.38
C PRO A 700 -37.93 -14.36 4.06
N MET A 701 -37.66 -15.65 3.84
CA MET A 701 -37.00 -16.08 2.62
C MET A 701 -37.67 -15.41 1.43
N GLN A 702 -38.94 -15.76 1.22
CA GLN A 702 -39.81 -14.97 0.35
C GLN A 702 -39.15 -14.76 -1.01
N LYS A 703 -38.79 -13.52 -1.32
CA LYS A 703 -38.18 -13.19 -2.59
C LYS A 703 -36.66 -13.27 -2.51
N LYS A 704 -36.11 -14.26 -3.22
CA LYS A 704 -34.69 -14.37 -3.48
C LYS A 704 -33.82 -14.39 -2.20
N CYS A 705 -32.58 -13.88 -2.23
CA CYS A 705 -31.74 -13.77 -3.44
C CYS A 705 -30.45 -14.56 -3.30
N LEU A 706 -30.33 -15.61 -4.10
CA LEU A 706 -29.11 -16.41 -4.16
C LEU A 706 -28.20 -15.85 -5.24
N ARG A 707 -27.09 -15.27 -4.83
CA ARG A 707 -26.07 -14.83 -5.76
C ARG A 707 -25.07 -15.95 -5.90
N TYR A 708 -25.02 -16.56 -7.09
CA TYR A 708 -24.11 -17.65 -7.35
C TYR A 708 -23.01 -17.20 -8.30
N ARG A 709 -22.10 -18.12 -8.60
CA ARG A 709 -20.94 -17.81 -9.42
C ARG A 709 -21.04 -18.60 -10.72
N TYR A 710 -21.10 -19.92 -10.61
CA TYR A 710 -21.32 -20.78 -11.77
C TYR A 710 -22.70 -21.45 -11.66
N PRO A 711 -23.38 -21.65 -12.81
CA PRO A 711 -24.76 -22.15 -12.93
C PRO A 711 -24.98 -23.62 -12.57
N LEU A 712 -23.91 -24.40 -12.36
CA LEU A 712 -23.91 -25.88 -12.42
C LEU A 712 -23.56 -26.42 -13.81
N GLU A 713 -23.29 -25.52 -14.75
CA GLU A 713 -22.67 -25.91 -16.01
C GLU A 713 -21.16 -26.09 -15.78
N ASP A 714 -20.72 -25.84 -14.55
CA ASP A 714 -19.31 -25.92 -14.18
C ASP A 714 -18.81 -27.36 -14.09
N LEU A 715 -19.64 -28.25 -13.54
CA LEU A 715 -19.24 -29.62 -13.26
C LEU A 715 -18.61 -30.30 -14.48
N PRO A 716 -19.32 -30.31 -15.62
CA PRO A 716 -18.67 -30.92 -16.79
C PRO A 716 -17.40 -30.19 -17.21
N SER A 717 -17.47 -28.87 -17.29
CA SER A 717 -16.37 -28.06 -17.82
C SER A 717 -15.04 -28.20 -17.08
N LEU A 718 -14.99 -27.72 -15.85
CA LEU A 718 -13.73 -27.55 -15.12
C LEU A 718 -13.13 -28.87 -14.64
N LEU A 719 -13.97 -29.82 -14.24
CA LEU A 719 -13.48 -31.14 -13.86
C LEU A 719 -12.87 -31.85 -15.06
N TYR A 720 -13.20 -31.36 -16.27
CA TYR A 720 -12.67 -31.95 -17.49
C TYR A 720 -11.21 -31.59 -17.65
N GLY A 721 -10.94 -30.31 -17.85
CA GLY A 721 -9.59 -29.81 -18.10
C GLY A 721 -8.56 -30.34 -17.13
N VAL A 722 -8.94 -30.44 -15.86
CA VAL A 722 -8.04 -30.98 -14.85
C VAL A 722 -7.96 -32.50 -14.96
N LYS A 723 -9.10 -33.15 -15.16
CA LYS A 723 -9.13 -34.60 -15.35
C LYS A 723 -8.40 -34.98 -16.62
N VAL A 724 -8.38 -34.08 -17.59
CA VAL A 724 -7.61 -34.27 -18.81
C VAL A 724 -6.14 -34.49 -18.45
N ARG A 725 -5.51 -33.45 -17.92
CA ARG A 725 -4.09 -33.51 -17.60
C ARG A 725 -3.82 -34.51 -16.48
N ALA A 726 -4.82 -34.74 -15.64
CA ALA A 726 -4.70 -35.73 -14.57
C ALA A 726 -4.59 -37.12 -15.17
N GLN A 727 -5.52 -37.45 -16.07
CA GLN A 727 -5.61 -38.78 -16.66
C GLN A 727 -4.89 -38.89 -18.01
N SER A 728 -4.29 -37.80 -18.46
CA SER A 728 -3.41 -37.83 -19.61
C SER A 728 -2.07 -38.40 -19.18
N TYR A 729 -1.69 -38.08 -17.94
CA TYR A 729 -0.45 -38.56 -17.36
C TYR A 729 -0.60 -40.01 -16.89
N ASP A 730 -1.79 -40.34 -16.39
CA ASP A 730 -2.10 -41.69 -15.93
C ASP A 730 -1.87 -42.72 -17.04
N THR A 731 -2.31 -42.37 -18.25
CA THR A 731 -2.18 -43.26 -19.39
C THR A 731 -0.77 -43.21 -19.96
N TRP A 732 -0.17 -42.03 -19.96
CA TRP A 732 1.15 -41.82 -20.55
C TRP A 732 2.20 -42.73 -19.91
N VAL A 733 2.10 -42.93 -18.60
CA VAL A 733 3.01 -43.81 -17.89
C VAL A 733 2.64 -45.28 -18.15
N SER A 734 1.34 -45.53 -18.30
CA SER A 734 0.85 -46.89 -18.52
C SER A 734 1.19 -47.37 -19.92
N VAL A 755 8.85 -40.17 -29.08
CA VAL A 755 7.70 -39.28 -29.07
C VAL A 755 7.00 -39.32 -27.72
N MET A 756 7.14 -40.43 -27.00
CA MET A 756 6.61 -40.53 -25.65
C MET A 756 7.44 -39.68 -24.70
N LEU A 757 8.75 -39.63 -24.93
CA LEU A 757 9.64 -38.76 -24.18
C LEU A 757 9.54 -37.33 -24.67
N GLU A 758 8.88 -37.14 -25.81
CA GLU A 758 8.59 -35.81 -26.33
C GLU A 758 7.43 -35.19 -25.57
N ASP A 759 6.27 -35.85 -25.65
CA ASP A 759 5.04 -35.33 -25.05
C ASP A 759 5.21 -34.99 -23.57
N ALA A 760 6.19 -35.60 -22.92
CA ALA A 760 6.51 -35.27 -21.54
C ALA A 760 7.20 -33.91 -21.49
N GLU A 761 7.96 -33.59 -22.53
CA GLU A 761 8.66 -32.30 -22.63
C GLU A 761 7.69 -31.20 -23.06
N ASP A 762 6.71 -31.57 -23.89
CA ASP A 762 5.73 -30.62 -24.39
C ASP A 762 4.73 -30.25 -23.29
N ARG A 763 4.27 -31.27 -22.57
CA ARG A 763 3.28 -31.08 -21.52
C ARG A 763 3.94 -30.73 -20.19
N LYS A 764 5.27 -30.62 -20.20
CA LYS A 764 6.03 -30.25 -19.01
C LYS A 764 5.84 -31.24 -17.86
N TYR A 765 5.91 -32.54 -18.17
CA TYR A 765 5.84 -33.57 -17.15
C TYR A 765 7.11 -33.54 -16.29
N PRO A 766 7.04 -34.06 -15.06
CA PRO A 766 8.22 -34.18 -14.21
C PRO A 766 9.07 -35.37 -14.64
N GLU A 767 10.25 -35.57 -14.05
CA GLU A 767 11.08 -36.71 -14.42
C GLU A 767 11.52 -37.63 -13.28
N ASN A 768 12.62 -37.24 -12.62
CA ASN A 768 13.34 -38.13 -11.72
C ASN A 768 13.44 -39.52 -12.36
N ASP A 769 13.34 -40.57 -11.55
CA ASP A 769 12.52 -41.73 -11.86
C ASP A 769 12.47 -42.17 -13.33
N LEU A 770 11.27 -42.14 -13.89
CA LEU A 770 10.96 -42.56 -15.26
C LEU A 770 11.91 -42.04 -16.33
N PHE A 771 12.26 -40.76 -16.27
CA PHE A 771 13.14 -40.16 -17.28
C PHE A 771 14.54 -40.77 -17.25
N ARG A 772 14.87 -41.44 -16.14
CA ARG A 772 16.17 -42.10 -16.01
C ARG A 772 16.19 -43.37 -16.85
N LYS A 773 15.07 -44.06 -16.92
CA LYS A 773 14.93 -45.25 -17.76
C LYS A 773 15.02 -44.87 -19.23
N LEU A 774 14.55 -43.66 -19.55
CA LEU A 774 14.60 -43.14 -20.91
C LEU A 774 16.03 -43.09 -21.44
N ARG A 775 16.85 -42.21 -20.85
CA ARG A 775 18.23 -42.04 -21.27
C ARG A 775 19.04 -43.31 -21.00
N GLU B 2 6.21 23.70 -41.62
CA GLU B 2 4.92 24.27 -41.30
C GLU B 2 4.86 24.61 -39.81
N PHE B 3 5.24 23.65 -38.97
CA PHE B 3 5.32 23.88 -37.53
C PHE B 3 6.55 24.73 -37.19
N VAL B 4 6.41 25.54 -36.15
CA VAL B 4 7.43 26.52 -35.79
C VAL B 4 8.01 26.23 -34.40
N PRO B 5 9.31 25.88 -34.34
CA PRO B 5 9.97 25.73 -33.02
C PRO B 5 9.95 27.03 -32.21
N PRO B 6 9.49 26.98 -30.94
CA PRO B 6 9.48 28.18 -30.08
C PRO B 6 10.88 28.58 -29.61
N PRO B 7 10.99 29.68 -28.85
CA PRO B 7 12.28 30.10 -28.26
C PRO B 7 12.83 29.10 -27.25
N GLU B 8 14.15 29.05 -27.13
CA GLU B 8 14.80 28.14 -26.20
C GLU B 8 14.84 28.72 -24.80
N CYS B 9 14.47 27.93 -23.81
CA CYS B 9 14.57 28.36 -22.41
C CYS B 9 16.05 28.33 -22.00
N PRO B 10 16.44 29.22 -21.06
CA PRO B 10 17.84 29.35 -20.67
C PRO B 10 18.43 28.10 -20.04
N VAL B 11 19.74 27.90 -20.22
CA VAL B 11 20.46 26.81 -19.58
C VAL B 11 21.47 27.38 -18.60
N PHE B 12 21.84 26.59 -17.61
CA PHE B 12 22.86 26.99 -16.64
C PHE B 12 23.93 25.90 -16.55
N GLU B 13 25.17 26.31 -16.34
CA GLU B 13 26.30 25.40 -16.29
C GLU B 13 27.15 25.72 -15.07
N PRO B 14 26.64 25.38 -13.87
CA PRO B 14 27.24 25.81 -12.60
C PRO B 14 28.65 25.31 -12.35
N SER B 15 29.37 26.06 -11.51
CA SER B 15 30.65 25.63 -10.98
C SER B 15 30.38 24.57 -9.91
N TRP B 16 31.41 23.78 -9.58
CA TRP B 16 31.27 22.75 -8.56
C TRP B 16 30.86 23.33 -7.21
N GLU B 17 31.23 24.59 -6.95
CA GLU B 17 30.87 25.27 -5.71
C GLU B 17 29.42 25.78 -5.75
N GLU B 18 28.95 26.16 -6.93
CA GLU B 18 27.55 26.54 -7.11
C GLU B 18 26.68 25.29 -7.06
N PHE B 19 27.23 24.20 -7.59
CA PHE B 19 26.52 22.94 -7.70
C PHE B 19 26.34 22.24 -6.35
N THR B 20 26.94 22.79 -5.30
CA THR B 20 26.98 22.12 -4.00
C THR B 20 25.60 22.05 -3.34
N ASP B 21 24.97 23.20 -3.14
CA ASP B 21 23.63 23.26 -2.55
C ASP B 21 22.62 23.50 -3.67
N PRO B 22 21.84 22.46 -4.04
CA PRO B 22 20.95 22.63 -5.19
C PRO B 22 19.89 23.70 -4.99
N LEU B 23 19.25 23.72 -3.82
CA LEU B 23 18.12 24.59 -3.58
C LEU B 23 18.53 26.07 -3.41
N SER B 24 19.79 26.29 -3.04
CA SER B 24 20.33 27.64 -2.99
C SER B 24 20.60 28.11 -4.42
N PHE B 25 21.21 27.23 -5.21
CA PHE B 25 21.53 27.52 -6.60
C PHE B 25 20.26 27.79 -7.41
N ILE B 26 19.17 27.11 -7.04
CA ILE B 26 17.89 27.27 -7.70
C ILE B 26 17.23 28.56 -7.23
N GLY B 27 17.50 28.95 -5.99
CA GLY B 27 17.04 30.23 -5.47
C GLY B 27 17.79 31.35 -6.15
N ARG B 28 19.09 31.16 -6.36
CA ARG B 28 19.92 32.06 -7.13
C ARG B 28 19.30 32.30 -8.51
N ILE B 29 18.77 31.22 -9.08
CA ILE B 29 18.28 31.21 -10.46
C ILE B 29 16.80 31.59 -10.60
N ARG B 30 16.09 31.61 -9.47
CA ARG B 30 14.63 31.78 -9.52
C ARG B 30 14.17 33.07 -10.21
N PRO B 31 14.74 34.23 -9.83
CA PRO B 31 14.25 35.50 -10.37
C PRO B 31 14.28 35.56 -11.90
N LEU B 32 15.14 34.74 -12.50
CA LEU B 32 15.32 34.71 -13.95
C LEU B 32 14.50 33.59 -14.59
N ALA B 33 14.82 32.35 -14.23
CA ALA B 33 14.18 31.17 -14.81
C ALA B 33 12.66 31.16 -14.62
N GLU B 34 12.20 31.85 -13.58
CA GLU B 34 10.78 31.91 -13.25
C GLU B 34 9.95 32.45 -14.42
N LYS B 35 10.56 33.31 -15.23
CA LYS B 35 9.85 33.96 -16.33
C LYS B 35 9.68 33.05 -17.56
N THR B 36 10.56 32.08 -17.74
CA THR B 36 10.38 31.08 -18.78
C THR B 36 9.48 29.93 -18.33
N GLY B 37 9.39 29.74 -17.01
CA GLY B 37 8.56 28.69 -16.45
C GLY B 37 9.32 27.38 -16.31
N ILE B 38 10.35 27.21 -17.14
CA ILE B 38 11.22 26.03 -17.06
C ILE B 38 12.64 26.43 -17.41
N CYS B 39 13.61 25.65 -16.94
CA CYS B 39 15.00 25.89 -17.29
C CYS B 39 15.80 24.59 -17.24
N LYS B 40 16.87 24.54 -18.02
CA LYS B 40 17.72 23.37 -18.12
C LYS B 40 19.00 23.63 -17.34
N ILE B 41 19.56 22.57 -16.77
CA ILE B 41 20.80 22.68 -16.01
C ILE B 41 21.77 21.58 -16.44
N ARG B 42 23.04 21.96 -16.56
CA ARG B 42 24.09 21.03 -16.94
C ARG B 42 25.06 20.83 -15.79
N PRO B 43 24.99 19.65 -15.14
CA PRO B 43 25.97 19.38 -14.09
C PRO B 43 27.37 19.38 -14.68
N PRO B 44 28.40 19.68 -13.88
CA PRO B 44 29.77 19.63 -14.39
C PRO B 44 30.03 18.31 -15.10
N LYS B 45 30.70 18.36 -16.25
CA LYS B 45 30.92 17.18 -17.09
C LYS B 45 31.56 16.04 -16.29
N ASP B 46 32.24 16.39 -15.20
CA ASP B 46 32.89 15.42 -14.35
C ASP B 46 31.89 14.63 -13.51
N TRP B 47 30.66 15.16 -13.40
CA TRP B 47 29.64 14.56 -12.57
C TRP B 47 28.80 13.62 -13.44
N GLN B 48 28.99 12.32 -13.26
CA GLN B 48 28.30 11.29 -14.03
C GLN B 48 27.96 10.08 -13.16
N PRO B 49 26.83 10.15 -12.43
CA PRO B 49 26.51 9.07 -11.48
C PRO B 49 26.25 7.74 -12.19
N PRO B 50 26.73 6.61 -11.61
CA PRO B 50 26.47 5.33 -12.26
C PRO B 50 24.99 4.95 -12.20
N PHE B 51 24.50 4.25 -13.21
CA PHE B 51 23.10 3.85 -13.24
C PHE B 51 22.91 2.62 -12.35
N ALA B 52 22.07 2.76 -11.34
CA ALA B 52 21.90 1.74 -10.32
C ALA B 52 21.19 0.50 -10.86
N CYS B 53 20.17 0.73 -11.68
CA CYS B 53 19.29 -0.34 -12.12
C CYS B 53 19.94 -1.23 -13.16
N GLU B 54 19.52 -2.49 -13.19
CA GLU B 54 19.79 -3.33 -14.34
C GLU B 54 18.78 -2.95 -15.40
N VAL B 55 18.90 -3.59 -16.57
CA VAL B 55 18.04 -3.33 -17.71
C VAL B 55 17.52 -4.67 -18.18
N LYS B 56 18.45 -5.55 -18.50
CA LYS B 56 18.16 -6.89 -19.01
C LYS B 56 17.07 -7.58 -18.17
N SER B 57 17.10 -7.39 -16.86
CA SER B 57 15.88 -7.57 -16.07
C SER B 57 15.48 -6.24 -15.45
N PHE B 58 14.56 -5.55 -16.11
CA PHE B 58 13.73 -4.53 -15.50
C PHE B 58 12.38 -4.67 -16.19
N ARG B 59 11.34 -5.03 -15.44
CA ARG B 59 10.06 -5.37 -16.07
C ARG B 59 8.99 -4.33 -15.77
N PHE B 60 8.34 -3.84 -16.82
CA PHE B 60 7.26 -2.86 -16.68
C PHE B 60 6.12 -3.14 -17.65
N THR B 61 4.91 -2.76 -17.24
CA THR B 61 3.72 -2.89 -18.08
C THR B 61 3.54 -1.61 -18.90
N PRO B 62 3.63 -1.72 -20.23
CA PRO B 62 3.57 -0.50 -21.05
C PRO B 62 2.17 0.09 -21.14
N ARG B 63 2.08 1.42 -21.10
CA ARG B 63 0.85 2.13 -21.43
C ARG B 63 0.94 2.55 -22.89
N VAL B 64 -0.11 3.18 -23.41
CA VAL B 64 -0.22 3.41 -24.85
C VAL B 64 -0.81 4.79 -25.19
N GLN B 65 -0.49 5.27 -26.39
CA GLN B 65 -1.03 6.52 -26.90
C GLN B 65 -1.34 6.42 -28.39
N ARG B 66 -2.52 6.89 -28.77
CA ARG B 66 -2.87 7.08 -30.17
C ARG B 66 -2.85 8.58 -30.45
N LEU B 67 -1.86 9.02 -31.22
CA LEU B 67 -1.56 10.44 -31.37
C LEU B 67 -2.70 11.21 -32.03
N ASN B 68 -3.49 10.51 -32.83
CA ASN B 68 -4.72 11.06 -33.40
C ASN B 68 -5.65 11.52 -32.28
N GLU B 69 -6.11 10.56 -31.49
CA GLU B 69 -7.08 10.79 -30.42
C GLU B 69 -6.40 11.14 -29.10
N LEU B 70 -5.08 11.27 -29.12
CA LEU B 70 -4.32 11.72 -27.96
C LEU B 70 -4.87 13.05 -27.46
N GLU B 71 -5.36 13.85 -28.40
CA GLU B 71 -6.02 15.11 -28.06
C GLU B 71 -7.45 14.83 -27.64
N ALA B 72 -7.79 15.18 -26.40
CA ALA B 72 -9.12 14.93 -25.86
C ALA B 72 -10.06 16.13 -26.04
N MET B 73 -9.51 17.25 -26.50
CA MET B 73 -10.24 18.50 -26.59
C MET B 73 -10.87 18.74 -27.96
N THR B 74 -10.84 17.72 -28.82
CA THR B 74 -11.35 17.84 -30.19
C THR B 74 -12.78 18.37 -30.20
N ARG B 75 -13.09 19.14 -31.24
CA ARG B 75 -14.39 19.80 -31.40
C ARG B 75 -15.55 18.84 -31.16
N VAL B 76 -15.42 17.62 -31.66
CA VAL B 76 -16.50 16.64 -31.61
C VAL B 76 -16.72 16.12 -30.20
N ARG B 77 -15.64 15.96 -29.44
CA ARG B 77 -15.74 15.47 -28.07
C ARG B 77 -16.31 16.58 -27.18
N LEU B 78 -15.86 17.81 -27.41
CA LEU B 78 -16.33 18.95 -26.64
C LEU B 78 -17.83 19.16 -26.81
N ASP B 79 -18.28 19.21 -28.06
CA ASP B 79 -19.68 19.49 -28.37
C ASP B 79 -20.58 18.38 -27.85
N PHE B 80 -20.09 17.14 -27.87
CA PHE B 80 -20.85 16.00 -27.37
C PHE B 80 -21.17 16.18 -25.88
N LEU B 81 -20.11 16.36 -25.09
CA LEU B 81 -20.23 16.46 -23.64
C LEU B 81 -21.07 17.66 -23.25
N ASP B 82 -20.92 18.75 -24.00
CA ASP B 82 -21.71 19.95 -23.78
C ASP B 82 -23.20 19.63 -23.93
N GLN B 83 -23.52 18.72 -24.84
CA GLN B 83 -24.90 18.32 -25.10
C GLN B 83 -25.42 17.33 -24.06
N LEU B 84 -24.58 16.36 -23.69
CA LEU B 84 -24.95 15.38 -22.68
C LEU B 84 -25.17 16.06 -21.33
N ALA B 85 -24.40 17.12 -21.09
CA ALA B 85 -24.54 17.92 -19.87
C ALA B 85 -25.90 18.60 -19.85
N LYS B 86 -26.19 19.36 -20.91
CA LYS B 86 -27.45 20.08 -21.06
C LYS B 86 -28.64 19.13 -20.95
N PHE B 87 -28.45 17.91 -21.41
CA PHE B 87 -29.47 16.88 -21.31
C PHE B 87 -29.79 16.62 -19.83
N TRP B 88 -28.75 16.35 -19.05
CA TRP B 88 -28.93 16.09 -17.62
C TRP B 88 -29.40 17.32 -16.85
N GLU B 89 -29.05 18.51 -17.32
CA GLU B 89 -29.53 19.75 -16.70
C GLU B 89 -31.05 19.82 -16.86
N LEU B 90 -31.52 19.57 -18.07
CA LEU B 90 -32.95 19.54 -18.36
C LEU B 90 -33.62 18.48 -17.49
N GLN B 91 -32.98 17.32 -17.37
CA GLN B 91 -33.53 16.21 -16.59
C GLN B 91 -33.61 16.53 -15.10
N GLY B 92 -33.04 17.66 -14.69
CA GLY B 92 -33.08 18.09 -13.31
C GLY B 92 -31.87 17.56 -12.55
N SER B 93 -31.22 16.57 -13.14
CA SER B 93 -29.99 16.01 -12.60
C SER B 93 -28.84 16.93 -13.03
N THR B 94 -27.62 16.44 -12.84
CA THR B 94 -26.44 17.12 -13.37
C THR B 94 -25.41 16.08 -13.77
N LEU B 95 -24.64 16.38 -14.79
CA LEU B 95 -23.70 15.42 -15.34
C LEU B 95 -22.46 15.35 -14.46
N LYS B 96 -22.20 14.17 -13.90
CA LYS B 96 -21.00 13.90 -13.11
C LYS B 96 -20.12 12.92 -13.86
N ILE B 97 -18.88 13.32 -14.11
CA ILE B 97 -17.93 12.48 -14.83
C ILE B 97 -17.20 11.57 -13.85
N PRO B 98 -17.42 10.24 -13.93
CA PRO B 98 -16.79 9.33 -12.98
C PRO B 98 -15.31 9.11 -13.29
N VAL B 99 -14.53 8.79 -12.27
CA VAL B 99 -13.11 8.52 -12.44
C VAL B 99 -12.89 7.01 -12.45
N VAL B 100 -12.10 6.53 -13.42
CA VAL B 100 -11.83 5.10 -13.57
C VAL B 100 -10.37 4.89 -13.94
N GLU B 101 -9.69 3.99 -13.23
CA GLU B 101 -8.28 3.74 -13.43
C GLU B 101 -7.45 5.02 -13.31
N ARG B 102 -7.81 5.86 -12.35
CA ARG B 102 -7.06 7.07 -12.00
C ARG B 102 -7.24 8.21 -13.01
N LYS B 103 -7.96 7.95 -14.09
CA LYS B 103 -8.22 8.96 -15.11
C LYS B 103 -9.71 9.05 -15.40
N ILE B 104 -10.17 10.23 -15.79
CA ILE B 104 -11.58 10.43 -16.15
C ILE B 104 -12.03 9.49 -17.26
N LEU B 105 -13.30 9.12 -17.21
CA LEU B 105 -13.89 8.28 -18.23
C LEU B 105 -14.14 9.11 -19.48
N ASP B 106 -13.84 8.55 -20.65
CA ASP B 106 -14.14 9.22 -21.91
C ASP B 106 -15.53 8.75 -22.34
N LEU B 107 -16.50 9.65 -22.23
CA LEU B 107 -17.90 9.31 -22.49
C LEU B 107 -18.18 9.29 -23.99
N TYR B 108 -17.60 10.25 -24.71
CA TYR B 108 -17.77 10.33 -26.15
C TYR B 108 -17.27 9.05 -26.82
N ALA B 109 -16.08 8.62 -26.41
CA ALA B 109 -15.52 7.36 -26.88
C ALA B 109 -16.48 6.23 -26.52
N LEU B 110 -16.82 6.18 -25.24
CA LEU B 110 -17.70 5.15 -24.70
C LEU B 110 -19.04 5.09 -25.44
N SER B 111 -19.67 6.24 -25.63
CA SER B 111 -20.98 6.29 -26.26
C SER B 111 -20.90 5.90 -27.73
N LYS B 112 -19.86 6.39 -28.41
CA LYS B 112 -19.58 5.99 -29.79
C LYS B 112 -19.52 4.47 -29.88
N ILE B 113 -18.57 3.90 -29.16
CA ILE B 113 -18.29 2.47 -29.22
C ILE B 113 -19.51 1.62 -28.87
N VAL B 114 -20.15 1.88 -27.73
CA VAL B 114 -21.33 1.12 -27.33
C VAL B 114 -22.38 1.13 -28.44
N ALA B 115 -22.52 2.27 -29.10
CA ALA B 115 -23.50 2.42 -30.16
C ALA B 115 -23.04 1.74 -31.45
N SER B 116 -21.72 1.70 -31.66
CA SER B 116 -21.16 1.11 -32.88
C SER B 116 -21.51 -0.37 -32.97
N LYS B 117 -21.63 -1.02 -31.82
CA LYS B 117 -22.00 -2.44 -31.75
C LYS B 117 -23.49 -2.67 -31.52
N GLY B 118 -24.28 -1.59 -31.53
CA GLY B 118 -25.73 -1.69 -31.49
C GLY B 118 -26.43 -1.26 -30.21
N GLY B 119 -25.69 -0.71 -29.25
CA GLY B 119 -26.29 -0.06 -28.10
C GLY B 119 -26.19 -0.81 -26.78
N PHE B 120 -26.76 -0.22 -25.74
CA PHE B 120 -26.60 -0.68 -24.37
C PHE B 120 -27.03 -2.13 -24.16
N GLU B 121 -28.29 -2.42 -24.45
CA GLU B 121 -28.83 -3.75 -24.23
C GLU B 121 -28.33 -4.74 -25.27
N MET B 122 -27.91 -4.22 -26.42
CA MET B 122 -27.18 -5.02 -27.39
C MET B 122 -25.91 -5.56 -26.74
N VAL B 123 -25.02 -4.64 -26.37
CA VAL B 123 -23.75 -4.99 -25.71
C VAL B 123 -23.99 -5.83 -24.46
N THR B 124 -24.99 -5.45 -23.67
CA THR B 124 -25.34 -6.16 -22.45
C THR B 124 -25.61 -7.63 -22.73
N LYS B 125 -26.65 -7.88 -23.52
CA LYS B 125 -27.09 -9.24 -23.82
C LYS B 125 -25.98 -10.06 -24.46
N GLU B 126 -25.05 -9.39 -25.12
CA GLU B 126 -23.92 -10.04 -25.77
C GLU B 126 -22.66 -10.07 -24.90
N LYS B 127 -22.72 -9.44 -23.73
CA LYS B 127 -21.61 -9.42 -22.78
C LYS B 127 -20.29 -8.92 -23.38
N LYS B 128 -20.37 -7.94 -24.27
CA LYS B 128 -19.17 -7.41 -24.94
C LYS B 128 -18.56 -6.25 -24.17
N TRP B 129 -19.14 -5.94 -23.00
CA TRP B 129 -18.69 -4.83 -22.18
C TRP B 129 -17.18 -4.87 -21.87
N SER B 130 -16.62 -6.07 -21.85
CA SER B 130 -15.20 -6.24 -21.59
C SER B 130 -14.38 -5.89 -22.83
N LYS B 131 -14.92 -6.25 -24.01
CA LYS B 131 -14.29 -5.92 -25.28
C LYS B 131 -14.20 -4.41 -25.45
N VAL B 132 -15.21 -3.70 -24.95
CA VAL B 132 -15.24 -2.25 -24.99
C VAL B 132 -14.05 -1.65 -24.24
N GLY B 133 -14.02 -1.87 -22.92
CA GLY B 133 -12.99 -1.31 -22.07
C GLY B 133 -11.59 -1.56 -22.59
N SER B 134 -11.40 -2.73 -23.19
CA SER B 134 -10.17 -3.06 -23.90
C SER B 134 -9.78 -1.93 -24.86
N ARG B 135 -10.64 -1.68 -25.84
CA ARG B 135 -10.40 -0.64 -26.84
C ARG B 135 -10.35 0.76 -26.23
N LEU B 136 -10.84 0.89 -25.00
CA LEU B 136 -10.87 2.19 -24.31
C LEU B 136 -9.54 2.52 -23.64
N GLY B 137 -8.58 1.60 -23.74
CA GLY B 137 -7.27 1.81 -23.14
C GLY B 137 -7.26 1.49 -21.66
N TYR B 138 -8.17 0.61 -21.26
CA TYR B 138 -8.25 0.15 -19.87
C TYR B 138 -7.60 -1.21 -19.70
N LEU B 139 -6.87 -1.38 -18.61
CA LEU B 139 -6.19 -2.63 -18.31
C LEU B 139 -7.18 -3.70 -17.85
N PRO B 140 -7.28 -4.82 -18.60
CA PRO B 140 -8.02 -5.95 -18.02
C PRO B 140 -7.16 -6.61 -16.94
N GLY B 141 -7.64 -7.59 -16.20
CA GLY B 141 -9.02 -8.07 -16.22
C GLY B 141 -9.81 -7.45 -15.08
N LYS B 142 -9.39 -6.25 -14.66
CA LYS B 142 -9.77 -5.67 -13.38
C LYS B 142 -11.28 -5.50 -13.17
N GLY B 143 -12.07 -5.77 -14.20
CA GLY B 143 -13.52 -5.80 -14.06
C GLY B 143 -14.16 -4.49 -14.47
N THR B 144 -13.41 -3.71 -15.24
CA THR B 144 -13.87 -2.42 -15.72
C THR B 144 -15.12 -2.58 -16.59
N GLY B 145 -15.17 -3.67 -17.36
CA GLY B 145 -16.26 -3.90 -18.30
C GLY B 145 -17.65 -3.77 -17.70
N SER B 146 -17.90 -4.48 -16.61
CA SER B 146 -19.19 -4.43 -15.93
C SER B 146 -19.32 -3.13 -15.13
N LEU B 147 -18.20 -2.43 -14.94
CA LEU B 147 -18.23 -1.12 -14.30
C LEU B 147 -18.65 -0.05 -15.30
N LEU B 148 -18.28 -0.25 -16.57
CA LEU B 148 -18.64 0.67 -17.64
C LEU B 148 -20.13 0.57 -17.94
N LYS B 149 -20.63 -0.66 -17.98
CA LYS B 149 -22.06 -0.91 -18.09
C LYS B 149 -22.83 -0.09 -17.07
N SER B 150 -22.55 -0.35 -15.79
CA SER B 150 -23.15 0.37 -14.69
C SER B 150 -23.11 1.89 -14.89
N HIS B 151 -22.00 2.37 -15.45
CA HIS B 151 -21.82 3.80 -15.70
C HIS B 151 -22.61 4.26 -16.92
N TYR B 152 -22.56 3.47 -17.99
CA TYR B 152 -23.27 3.81 -19.22
C TYR B 152 -24.77 3.87 -18.96
N GLU B 153 -25.28 2.87 -18.28
CA GLU B 153 -26.69 2.80 -17.91
C GLU B 153 -27.11 4.02 -17.10
N ARG B 154 -26.26 4.40 -16.16
CA ARG B 154 -26.60 5.45 -15.20
C ARG B 154 -26.50 6.84 -15.82
N ILE B 155 -25.73 6.96 -16.90
CA ILE B 155 -25.47 8.25 -17.55
C ILE B 155 -25.81 8.24 -19.04
N LEU B 156 -25.15 7.39 -19.81
CA LEU B 156 -25.25 7.43 -21.27
C LEU B 156 -26.51 6.78 -21.87
N TYR B 157 -27.07 5.77 -21.21
CA TYR B 157 -28.23 5.08 -21.77
C TYR B 157 -29.47 5.98 -21.88
N PRO B 158 -29.74 6.81 -20.86
CA PRO B 158 -30.85 7.76 -20.99
C PRO B 158 -30.65 8.69 -22.18
N TYR B 159 -29.42 9.15 -22.34
CA TYR B 159 -29.08 10.02 -23.46
C TYR B 159 -29.12 9.23 -24.76
N GLU B 160 -28.70 7.96 -24.70
CA GLU B 160 -28.81 7.07 -25.86
C GLU B 160 -30.25 7.08 -26.36
N LEU B 161 -31.17 6.65 -25.52
CA LEU B 161 -32.61 6.64 -25.84
C LEU B 161 -33.06 7.96 -26.45
N PHE B 162 -32.91 9.03 -25.68
CA PHE B 162 -33.19 10.38 -26.14
C PHE B 162 -32.56 10.64 -27.50
N GLN B 163 -31.23 10.57 -27.54
CA GLN B 163 -30.47 10.76 -28.77
C GLN B 163 -30.83 9.72 -29.83
N SER B 164 -31.27 8.54 -29.37
CA SER B 164 -31.75 7.49 -30.27
C SER B 164 -33.13 7.90 -30.72
N GLY B 165 -33.84 7.02 -31.41
CA GLY B 165 -35.19 7.35 -31.82
C GLY B 165 -36.06 7.55 -30.60
N VAL B 166 -36.61 8.76 -30.48
CA VAL B 166 -37.73 9.05 -29.59
C VAL B 166 -37.55 8.47 -28.15
N SER B 167 -38.51 7.69 -27.67
CA SER B 167 -38.42 6.92 -26.42
C SER B 167 -38.18 7.72 -25.12
N LEU B 168 -37.35 7.16 -24.23
CA LEU B 168 -37.14 7.69 -22.87
C LEU B 168 -38.39 7.81 -22.01
N MET B 169 -38.91 6.67 -21.53
CA MET B 169 -39.98 6.69 -20.53
C MET B 169 -39.39 6.39 -19.14
N GLY B 170 -39.12 5.11 -18.87
CA GLY B 170 -38.38 4.70 -17.68
C GLY B 170 -37.00 4.20 -18.07
N VAL B 171 -36.09 3.99 -17.11
CA VAL B 171 -36.20 4.45 -15.72
C VAL B 171 -35.22 5.60 -15.55
N GLN B 172 -35.09 6.14 -14.34
CA GLN B 172 -34.17 7.26 -14.10
C GLN B 172 -34.08 7.68 -12.65
N MET B 173 -33.01 8.40 -12.33
CA MET B 173 -32.85 9.08 -11.04
C MET B 173 -31.58 9.93 -11.05
N TYR B 351 7.07 -6.32 -20.75
CA TYR B 351 8.22 -5.74 -21.42
C TYR B 351 9.46 -5.77 -20.54
N THR B 352 10.61 -5.62 -21.18
CA THR B 352 11.87 -5.39 -20.48
C THR B 352 12.43 -4.07 -20.99
N LEU B 353 13.15 -3.35 -20.13
CA LEU B 353 13.82 -2.11 -20.54
C LEU B 353 14.71 -2.41 -21.74
N GLN B 354 15.42 -3.52 -21.65
CA GLN B 354 16.21 -4.05 -22.75
C GLN B 354 15.36 -4.22 -24.00
N SER B 355 14.39 -5.12 -23.92
CA SER B 355 13.53 -5.47 -25.06
C SER B 355 12.73 -4.26 -25.55
N PHE B 356 12.55 -3.27 -24.67
CA PHE B 356 11.84 -2.06 -25.02
C PHE B 356 12.71 -1.13 -25.85
N GLY B 357 14.01 -1.15 -25.58
CA GLY B 357 14.97 -0.36 -26.35
C GLY B 357 15.09 -0.90 -27.76
N GLU B 358 15.11 -2.22 -27.88
CA GLU B 358 15.14 -2.90 -29.16
C GLU B 358 13.90 -2.51 -29.94
N MET B 359 12.75 -2.63 -29.28
CA MET B 359 11.47 -2.20 -29.85
C MET B 359 11.58 -0.76 -30.33
N ALA B 360 11.99 0.11 -29.41
CA ALA B 360 11.99 1.54 -29.63
C ALA B 360 12.92 1.95 -30.77
N ASP B 361 14.11 1.35 -30.81
CA ASP B 361 15.11 1.71 -31.81
C ASP B 361 14.76 1.13 -33.18
N ASN B 362 14.11 -0.04 -33.20
CA ASN B 362 13.64 -0.64 -34.44
C ASN B 362 12.56 0.23 -35.07
N PHE B 363 11.66 0.72 -34.22
CA PHE B 363 10.54 1.55 -34.66
C PHE B 363 11.03 2.84 -35.32
N LYS B 364 11.93 3.54 -34.64
CA LYS B 364 12.40 4.85 -35.08
C LYS B 364 13.15 4.78 -36.41
N SER B 365 14.03 3.80 -36.54
CA SER B 365 14.85 3.64 -37.74
C SER B 365 13.98 3.33 -38.96
N ASP B 366 13.12 2.34 -38.83
CA ASP B 366 12.22 1.94 -39.91
C ASP B 366 11.38 3.13 -40.37
N TYR B 367 10.96 3.94 -39.41
CA TYR B 367 10.22 5.16 -39.69
C TYR B 367 11.03 6.11 -40.58
N PHE B 368 12.13 6.63 -40.03
CA PHE B 368 12.90 7.68 -40.70
C PHE B 368 13.93 7.14 -41.70
N ASN B 369 14.11 5.82 -41.71
CA ASN B 369 15.08 5.19 -42.59
C ASN B 369 16.51 5.68 -42.34
N MET B 370 16.91 5.68 -41.08
CA MET B 370 18.26 6.09 -40.69
C MET B 370 18.69 5.29 -39.46
N PRO B 371 19.93 5.49 -39.01
CA PRO B 371 20.26 5.09 -37.64
C PRO B 371 19.53 6.05 -36.69
N VAL B 372 19.09 5.55 -35.54
CA VAL B 372 18.24 6.32 -34.64
C VAL B 372 18.93 7.59 -34.13
N HIS B 373 20.22 7.50 -33.88
CA HIS B 373 20.98 8.63 -33.36
C HIS B 373 21.24 9.68 -34.44
N MET B 374 21.02 9.30 -35.70
CA MET B 374 21.43 10.13 -36.83
C MET B 374 20.36 11.10 -37.32
N VAL B 375 19.13 10.97 -36.82
CA VAL B 375 18.04 11.84 -37.24
C VAL B 375 18.03 13.10 -36.35
N PRO B 376 17.97 14.29 -36.98
CA PRO B 376 18.05 15.53 -36.19
C PRO B 376 16.80 15.79 -35.36
N THR B 377 16.95 16.59 -34.31
CA THR B 377 15.87 16.85 -33.36
C THR B 377 14.78 17.72 -33.99
N GLU B 378 15.19 18.68 -34.82
CA GLU B 378 14.24 19.58 -35.48
C GLU B 378 13.25 18.79 -36.32
N LEU B 379 13.77 17.77 -37.00
CA LEU B 379 12.98 16.97 -37.93
C LEU B 379 11.89 16.16 -37.22
N VAL B 380 12.27 15.47 -36.15
CA VAL B 380 11.33 14.66 -35.39
C VAL B 380 10.29 15.56 -34.73
N GLU B 381 10.75 16.71 -34.23
CA GLU B 381 9.85 17.69 -33.62
C GLU B 381 8.79 18.11 -34.63
N LYS B 382 9.23 18.36 -35.85
CA LYS B 382 8.35 18.79 -36.93
C LYS B 382 7.31 17.72 -37.24
N GLU B 383 7.76 16.46 -37.31
CA GLU B 383 6.89 15.34 -37.67
C GLU B 383 5.91 15.00 -36.55
N PHE B 384 6.26 15.35 -35.32
CA PHE B 384 5.42 15.01 -34.16
C PHE B 384 4.11 15.78 -34.18
N TRP B 385 4.21 17.12 -34.27
CA TRP B 385 3.02 17.98 -34.29
C TRP B 385 2.24 17.79 -35.58
N ARG B 386 2.88 17.16 -36.57
CA ARG B 386 2.23 16.82 -37.82
C ARG B 386 1.22 15.70 -37.57
N LEU B 387 1.65 14.72 -36.78
CA LEU B 387 0.86 13.50 -36.55
C LEU B 387 -0.34 13.73 -35.64
N VAL B 388 -0.27 14.75 -34.80
CA VAL B 388 -1.33 15.02 -33.83
C VAL B 388 -2.62 15.42 -34.55
N SER B 389 -2.51 16.40 -35.45
CA SER B 389 -3.68 16.94 -36.14
C SER B 389 -3.98 16.20 -37.44
N SER B 390 -3.10 15.28 -37.83
CA SER B 390 -3.28 14.55 -39.08
C SER B 390 -4.15 13.31 -38.88
N ILE B 391 -5.31 13.32 -39.54
CA ILE B 391 -6.21 12.17 -39.55
C ILE B 391 -5.93 11.25 -40.74
N GLU B 392 -5.05 11.67 -41.63
CA GLU B 392 -4.72 10.90 -42.82
C GLU B 392 -4.03 9.59 -42.48
N GLU B 393 -3.62 9.44 -41.22
CA GLU B 393 -2.91 8.25 -40.77
C GLU B 393 -3.04 8.05 -39.27
N ASP B 394 -2.80 6.81 -38.83
CA ASP B 394 -2.81 6.46 -37.41
C ASP B 394 -1.41 5.99 -36.99
N VAL B 395 -0.94 6.51 -35.87
CA VAL B 395 0.36 6.12 -35.32
C VAL B 395 0.26 5.92 -33.82
N ILE B 396 0.69 4.73 -33.37
CA ILE B 396 0.58 4.31 -31.98
C ILE B 396 1.97 4.21 -31.36
N VAL B 397 2.06 4.42 -30.05
CA VAL B 397 3.33 4.35 -29.34
C VAL B 397 3.16 3.83 -27.92
N GLU B 398 4.20 3.19 -27.40
CA GLU B 398 4.21 2.65 -26.05
C GLU B 398 5.22 3.40 -25.17
N TYR B 399 4.80 3.72 -23.95
CA TYR B 399 5.66 4.37 -22.97
C TYR B 399 5.48 3.69 -21.63
N GLY B 400 6.04 4.28 -20.59
CA GLY B 400 5.71 3.86 -19.24
C GLY B 400 5.84 5.02 -18.28
N ALA B 401 5.04 4.96 -17.22
CA ALA B 401 4.93 6.03 -16.24
C ALA B 401 4.10 5.50 -15.08
N ASP B 402 3.83 6.35 -14.10
CA ASP B 402 3.20 5.89 -12.87
C ASP B 402 4.07 4.76 -12.32
N ILE B 403 5.31 5.13 -12.00
CA ILE B 403 6.33 4.19 -11.57
C ILE B 403 7.06 4.85 -10.41
N SER B 404 7.33 4.08 -9.36
CA SER B 404 7.91 4.64 -8.15
C SER B 404 9.25 4.02 -7.79
N SER B 405 10.15 4.85 -7.28
CA SER B 405 11.41 4.42 -6.72
C SER B 405 11.14 3.40 -5.63
N LYS B 406 10.02 3.60 -4.95
CA LYS B 406 9.56 2.68 -3.92
C LYS B 406 9.48 1.26 -4.45
N ASP B 407 8.59 1.05 -5.42
CA ASP B 407 8.33 -0.29 -5.95
C ASP B 407 9.39 -0.76 -6.95
N PHE B 408 9.74 0.09 -7.91
CA PHE B 408 10.63 -0.32 -9.00
C PHE B 408 12.11 -0.01 -8.74
N GLY B 409 12.39 0.76 -7.69
CA GLY B 409 13.76 1.12 -7.37
C GLY B 409 14.22 2.34 -8.12
N SER B 410 15.17 3.07 -7.53
CA SER B 410 15.71 4.29 -8.13
C SER B 410 16.86 4.00 -9.08
N GLY B 411 16.97 4.79 -10.14
CA GLY B 411 18.12 4.73 -11.03
C GLY B 411 19.32 5.45 -10.44
N PHE B 412 19.22 5.77 -9.15
CA PHE B 412 20.31 6.41 -8.41
C PHE B 412 20.81 5.46 -7.33
N PRO B 413 22.12 5.48 -7.06
CA PRO B 413 22.59 4.83 -5.83
C PRO B 413 22.14 5.63 -4.61
N VAL B 414 21.67 4.94 -3.57
CA VAL B 414 21.30 5.58 -2.32
C VAL B 414 21.40 4.51 -1.26
N LYS B 415 21.52 4.91 0.01
CA LYS B 415 21.71 3.93 1.06
C LYS B 415 20.41 3.65 1.78
N ASP B 416 19.77 2.51 1.46
CA ASP B 416 18.91 1.84 2.42
C ASP B 416 19.14 0.35 2.35
N GLY B 417 19.98 -0.19 3.23
CA GLY B 417 19.89 -1.58 3.64
C GLY B 417 19.99 -2.64 2.55
N ARG B 418 19.79 -2.26 1.30
CA ARG B 418 19.56 -3.24 0.23
C ARG B 418 20.82 -3.56 -0.55
N ARG B 419 21.85 -2.75 -0.35
CA ARG B 419 23.09 -2.90 -1.07
C ARG B 419 24.26 -2.37 -0.28
N LYS B 420 25.38 -3.07 -0.35
CA LYS B 420 26.63 -2.48 0.09
C LYS B 420 27.00 -1.51 -1.02
N ILE B 421 27.11 -0.23 -0.68
CA ILE B 421 27.33 0.81 -1.67
C ILE B 421 28.82 0.91 -2.00
N LEU B 422 29.11 0.96 -3.30
CA LEU B 422 30.48 1.03 -3.77
C LEU B 422 31.10 2.38 -3.41
N PRO B 423 32.43 2.43 -3.23
CA PRO B 423 33.08 3.70 -2.92
C PRO B 423 33.01 4.65 -4.12
N GLU B 424 32.97 4.05 -5.31
CA GLU B 424 32.76 4.80 -6.55
C GLU B 424 31.42 5.54 -6.46
N GLU B 425 30.41 4.85 -5.96
CA GLU B 425 29.05 5.36 -5.89
C GLU B 425 28.81 6.28 -4.69
N GLU B 426 29.66 6.16 -3.67
CA GLU B 426 29.47 6.84 -2.39
C GLU B 426 29.20 8.33 -2.54
N GLU B 427 30.01 8.99 -3.37
CA GLU B 427 29.86 10.42 -3.62
C GLU B 427 28.46 10.77 -4.08
N TYR B 428 28.03 10.14 -5.18
CA TYR B 428 26.76 10.47 -5.82
C TYR B 428 25.57 10.17 -4.93
N ALA B 429 25.65 9.09 -4.17
CA ALA B 429 24.56 8.67 -3.31
C ALA B 429 24.21 9.76 -2.29
N LEU B 430 25.21 10.49 -1.86
CA LEU B 430 25.03 11.53 -0.85
C LEU B 430 24.85 12.92 -1.48
N SER B 431 24.96 12.98 -2.80
CA SER B 431 24.83 14.26 -3.50
C SER B 431 23.37 14.71 -3.43
N GLY B 432 23.16 15.98 -3.06
CA GLY B 432 21.82 16.52 -2.98
C GLY B 432 21.11 16.49 -4.33
N TRP B 433 21.89 16.35 -5.40
CA TRP B 433 21.35 16.28 -6.74
C TRP B 433 20.81 14.90 -7.06
N ASN B 434 21.25 13.90 -6.32
CA ASN B 434 20.56 12.62 -6.32
C ASN B 434 19.15 12.93 -5.86
N LEU B 435 18.15 12.57 -6.68
CA LEU B 435 16.80 13.06 -6.48
C LEU B 435 16.13 12.54 -5.21
N ASN B 436 16.60 11.40 -4.73
CA ASN B 436 16.07 10.85 -3.49
C ASN B 436 16.43 11.71 -2.29
N ASN B 437 17.50 12.50 -2.43
CA ASN B 437 17.99 13.34 -1.34
C ASN B 437 17.41 14.75 -1.29
N MET B 438 16.74 15.17 -2.36
CA MET B 438 16.25 16.55 -2.46
C MET B 438 15.17 16.88 -1.43
N PRO B 439 14.12 16.06 -1.34
CA PRO B 439 13.03 16.26 -0.37
C PRO B 439 13.48 16.52 1.07
N VAL B 440 14.62 15.95 1.48
CA VAL B 440 15.07 16.06 2.86
C VAL B 440 16.01 17.24 3.09
N LEU B 441 16.45 17.88 2.01
CA LEU B 441 17.36 19.03 2.11
C LEU B 441 16.75 20.10 3.00
N GLU B 442 17.58 20.76 3.81
CA GLU B 442 17.09 21.68 4.84
C GLU B 442 16.26 22.83 4.29
N GLN B 443 16.39 23.11 2.99
CA GLN B 443 15.59 24.14 2.35
C GLN B 443 14.27 23.58 1.82
N SER B 444 14.13 22.26 1.90
CA SER B 444 12.86 21.61 1.52
C SER B 444 11.86 21.73 2.67
N VAL B 445 10.58 21.77 2.31
CA VAL B 445 9.51 21.85 3.31
C VAL B 445 9.21 20.46 3.84
N LEU B 446 9.26 19.48 2.95
CA LEU B 446 9.04 18.07 3.27
C LEU B 446 10.23 17.49 4.05
N ALA B 447 11.22 18.34 4.29
CA ALA B 447 12.36 18.07 5.16
C ALA B 447 11.84 18.00 6.59
N HIS B 448 12.68 18.28 7.59
CA HIS B 448 12.66 17.62 8.90
C HIS B 448 11.29 17.16 9.40
N ILE B 449 10.19 17.74 8.90
CA ILE B 449 8.88 17.19 9.20
C ILE B 449 8.89 15.68 8.87
N ASN B 450 8.55 14.87 9.88
CA ASN B 450 8.14 13.50 9.62
C ASN B 450 6.66 13.51 9.94
N VAL B 451 5.85 13.51 8.89
CA VAL B 451 4.44 13.84 9.02
C VAL B 451 3.57 12.83 8.30
N ASP B 452 3.66 12.86 6.97
CA ASP B 452 2.79 12.07 6.13
C ASP B 452 3.47 11.77 4.81
N ILE B 453 2.92 10.82 4.07
CA ILE B 453 3.35 10.57 2.72
C ILE B 453 2.57 11.56 1.85
N SER B 454 3.27 12.49 1.21
CA SER B 454 2.62 13.45 0.33
C SER B 454 2.40 12.80 -1.02
N GLY B 455 3.06 11.67 -1.22
CA GLY B 455 2.96 10.87 -2.43
C GLY B 455 4.13 11.16 -3.33
N MET B 456 4.69 12.36 -3.23
CA MET B 456 6.08 12.56 -3.64
C MET B 456 6.91 13.11 -2.49
N LYS B 457 7.57 12.20 -1.77
CA LYS B 457 8.90 12.44 -1.22
C LYS B 457 9.84 11.60 -2.07
N VAL B 458 9.24 10.87 -3.01
CA VAL B 458 9.92 9.77 -3.69
C VAL B 458 9.87 10.01 -5.21
N PRO B 459 10.97 9.73 -5.91
CA PRO B 459 11.00 9.98 -7.37
C PRO B 459 10.07 9.07 -8.20
N TRP B 460 9.71 9.57 -9.38
CA TRP B 460 8.92 8.84 -10.35
C TRP B 460 9.74 8.60 -11.62
N LEU B 461 9.56 7.44 -12.23
CA LEU B 461 10.34 7.06 -13.40
C LEU B 461 9.50 7.11 -14.67
N TYR B 462 10.04 7.74 -15.70
CA TYR B 462 9.41 7.72 -17.02
C TYR B 462 10.36 7.09 -18.03
N VAL B 463 10.02 5.87 -18.47
CA VAL B 463 10.67 5.26 -19.62
C VAL B 463 10.01 5.86 -20.86
N GLY B 464 10.73 5.87 -21.99
CA GLY B 464 10.20 6.49 -23.18
C GLY B 464 10.62 5.83 -24.47
N MET B 465 9.89 6.17 -25.52
CA MET B 465 10.18 5.73 -26.88
C MET B 465 10.25 6.99 -27.72
N CYS B 466 10.40 6.85 -29.04
CA CYS B 466 10.25 7.99 -29.92
C CYS B 466 8.78 8.41 -29.86
N PHE B 467 8.53 9.71 -30.00
CA PHE B 467 7.15 10.25 -30.04
C PHE B 467 6.36 10.11 -28.72
N SER B 468 6.90 9.40 -27.73
CA SER B 468 6.20 9.25 -26.46
C SER B 468 6.08 10.62 -25.80
N SER B 469 4.88 10.95 -25.33
CA SER B 469 4.55 12.32 -24.93
C SER B 469 3.94 12.39 -23.54
N PHE B 470 3.89 13.62 -23.00
CA PHE B 470 3.11 13.92 -21.81
C PHE B 470 2.37 15.24 -22.03
N CYS B 471 1.05 15.19 -21.92
CA CYS B 471 0.18 16.32 -22.26
C CYS B 471 0.31 17.48 -21.27
N TRP B 472 -0.14 18.65 -21.70
CA TRP B 472 -0.07 19.86 -20.88
C TRP B 472 -0.69 19.63 -19.51
N HIS B 473 -0.02 20.18 -18.48
CA HIS B 473 -0.43 19.97 -17.12
C HIS B 473 0.46 20.77 -16.18
N ILE B 474 0.08 20.76 -14.90
CA ILE B 474 0.89 21.33 -13.85
C ILE B 474 1.02 20.28 -12.75
N GLU B 475 1.78 20.60 -11.71
CA GLU B 475 2.05 19.65 -10.63
C GLU B 475 1.02 19.84 -9.51
N ASP B 476 0.65 18.74 -8.86
CA ASP B 476 -0.28 18.79 -7.74
C ASP B 476 0.22 19.76 -6.68
N HIS B 477 -0.68 20.62 -6.22
CA HIS B 477 -0.33 21.73 -5.34
C HIS B 477 0.72 22.62 -6.01
N TRP B 478 0.74 22.61 -7.33
CA TRP B 478 1.68 23.41 -8.10
C TRP B 478 3.12 23.13 -7.64
N SER B 479 3.78 24.15 -7.11
CA SER B 479 5.17 24.06 -6.69
C SER B 479 6.11 23.61 -7.79
N TYR B 480 7.18 22.92 -7.43
CA TYR B 480 8.22 22.67 -8.41
C TYR B 480 8.14 21.24 -8.89
N SER B 481 8.94 20.96 -9.92
CA SER B 481 9.21 19.60 -10.33
C SER B 481 10.63 19.59 -10.88
N ILE B 482 11.41 18.59 -10.48
CA ILE B 482 12.75 18.42 -11.02
C ILE B 482 12.80 17.13 -11.81
N ASN B 483 13.31 17.22 -13.03
CA ASN B 483 13.35 16.09 -13.95
C ASN B 483 14.77 15.86 -14.44
N TYR B 484 15.17 14.59 -14.43
CA TYR B 484 16.54 14.22 -14.80
C TYR B 484 16.50 13.05 -15.78
N LEU B 485 17.21 13.21 -16.89
CA LEU B 485 17.30 12.16 -17.89
C LEU B 485 18.54 11.31 -17.61
N HIS B 486 18.33 10.07 -17.20
CA HIS B 486 19.43 9.17 -16.87
C HIS B 486 20.24 8.80 -18.10
N TRP B 487 19.56 8.36 -19.15
CA TRP B 487 20.22 8.05 -20.41
C TRP B 487 19.21 8.00 -21.54
N GLY B 488 19.70 7.69 -22.73
CA GLY B 488 18.85 7.53 -23.90
C GLY B 488 18.77 8.79 -24.71
N GLU B 489 18.03 8.74 -25.82
CA GLU B 489 17.89 9.88 -26.71
C GLU B 489 17.17 11.02 -25.98
N PRO B 490 17.35 12.26 -26.46
CA PRO B 490 16.93 13.44 -25.71
C PRO B 490 15.43 13.52 -25.40
N LYS B 491 15.09 14.32 -24.41
CA LYS B 491 13.68 14.60 -24.07
C LYS B 491 13.37 16.04 -24.44
N THR B 492 12.28 16.23 -25.16
CA THR B 492 11.89 17.54 -25.70
C THR B 492 10.83 18.19 -24.81
N TRP B 493 11.05 19.46 -24.46
CA TRP B 493 10.18 20.18 -23.52
C TRP B 493 9.55 21.42 -24.12
N TYR B 494 8.41 21.82 -23.57
CA TYR B 494 7.82 23.13 -23.84
C TYR B 494 7.33 23.76 -22.54
N GLY B 495 7.90 24.89 -22.15
CA GLY B 495 7.52 25.57 -20.92
C GLY B 495 6.63 26.79 -21.13
N VAL B 496 5.99 27.23 -20.05
CA VAL B 496 5.24 28.48 -20.02
C VAL B 496 5.40 29.09 -18.63
N PRO B 497 5.47 30.44 -18.53
CA PRO B 497 5.66 31.02 -17.20
C PRO B 497 4.49 30.84 -16.25
N SER B 498 4.75 31.05 -14.96
CA SER B 498 3.74 30.97 -13.93
C SER B 498 2.79 32.16 -14.00
N HIS B 499 3.29 33.29 -14.50
CA HIS B 499 2.49 34.51 -14.57
C HIS B 499 1.55 34.52 -15.79
N ALA B 500 1.82 33.64 -16.76
CA ALA B 500 0.97 33.48 -17.94
C ALA B 500 -0.06 32.38 -17.73
N ALA B 501 -0.11 31.82 -16.52
CA ALA B 501 -0.91 30.62 -16.23
C ALA B 501 -2.40 30.81 -16.49
N GLU B 502 -3.01 31.81 -15.83
CA GLU B 502 -4.44 32.08 -16.00
C GLU B 502 -4.77 32.29 -17.47
N GLN B 503 -3.95 33.10 -18.12
CA GLN B 503 -4.09 33.41 -19.53
C GLN B 503 -4.15 32.14 -20.38
N LEU B 504 -3.32 31.16 -20.03
CA LEU B 504 -3.28 29.89 -20.76
C LEU B 504 -4.63 29.18 -20.67
N GLU B 505 -5.09 28.94 -19.45
CA GLU B 505 -6.35 28.26 -19.22
C GLU B 505 -7.50 29.00 -19.89
N GLU B 506 -7.33 30.32 -20.05
CA GLU B 506 -8.37 31.16 -20.64
C GLU B 506 -8.61 30.82 -22.10
N VAL B 507 -7.55 30.57 -22.88
CA VAL B 507 -7.71 30.30 -24.30
C VAL B 507 -8.28 28.90 -24.52
N MET B 508 -7.85 27.95 -23.70
CA MET B 508 -8.36 26.59 -23.78
C MET B 508 -9.85 26.58 -23.45
N ARG B 509 -10.26 27.58 -22.67
CA ARG B 509 -11.64 27.71 -22.23
C ARG B 509 -12.53 28.28 -23.32
N GLU B 510 -11.91 28.96 -24.29
CA GLU B 510 -12.65 29.56 -25.40
C GLU B 510 -13.31 28.52 -26.28
N LEU B 511 -12.90 27.26 -26.14
CA LEU B 511 -13.36 26.19 -27.02
C LEU B 511 -14.77 25.71 -26.69
N ALA B 512 -15.05 25.56 -25.40
CA ALA B 512 -16.36 25.16 -24.94
C ALA B 512 -16.73 25.94 -23.68
N PRO B 513 -16.96 27.25 -23.83
CA PRO B 513 -17.18 28.15 -22.68
C PRO B 513 -18.39 27.74 -21.83
N GLU B 514 -19.49 27.36 -22.48
CA GLU B 514 -20.70 26.96 -21.76
C GLU B 514 -20.46 25.69 -20.96
N LEU B 515 -19.65 24.80 -21.50
CA LEU B 515 -19.37 23.52 -20.88
C LEU B 515 -18.45 23.66 -19.68
N PHE B 516 -17.42 24.49 -19.83
CA PHE B 516 -16.42 24.67 -18.78
C PHE B 516 -17.00 25.45 -17.60
N GLU B 517 -18.08 26.19 -17.84
CA GLU B 517 -18.84 26.80 -16.75
C GLU B 517 -19.33 25.72 -15.79
N SER B 518 -20.21 24.87 -16.29
CA SER B 518 -20.84 23.82 -15.49
C SER B 518 -19.80 22.88 -14.87
N GLN B 519 -18.72 22.64 -15.61
CA GLN B 519 -17.65 21.75 -15.17
C GLN B 519 -16.32 22.50 -15.15
N PRO B 520 -16.10 23.31 -14.09
CA PRO B 520 -14.88 24.13 -14.01
C PRO B 520 -13.59 23.30 -14.03
N ASP B 521 -13.55 22.22 -13.26
CA ASP B 521 -12.34 21.42 -13.12
C ASP B 521 -12.14 20.47 -14.29
N LEU B 522 -13.20 20.24 -15.07
CA LEU B 522 -13.13 19.37 -16.24
C LEU B 522 -12.05 19.85 -17.21
N LEU B 523 -11.75 21.14 -17.15
CA LEU B 523 -10.71 21.74 -17.96
C LEU B 523 -9.38 21.03 -17.74
N HIS B 524 -9.02 20.82 -16.48
CA HIS B 524 -7.77 20.17 -16.10
C HIS B 524 -7.85 18.67 -16.35
N GLN B 525 -9.02 18.10 -16.07
CA GLN B 525 -9.26 16.68 -16.28
C GLN B 525 -8.93 16.29 -17.71
N LEU B 526 -9.34 17.12 -18.65
CA LEU B 526 -9.13 16.84 -20.07
C LEU B 526 -7.67 17.08 -20.47
N VAL B 527 -7.05 16.04 -20.99
CA VAL B 527 -5.68 16.12 -21.47
C VAL B 527 -5.64 16.86 -22.80
N THR B 528 -4.63 17.70 -22.98
CA THR B 528 -4.46 18.41 -24.23
C THR B 528 -2.99 18.60 -24.58
N ILE B 529 -2.67 18.36 -25.85
CA ILE B 529 -1.50 18.97 -26.44
C ILE B 529 -2.03 20.00 -27.41
N MET B 530 -1.92 21.27 -27.01
CA MET B 530 -2.33 22.37 -27.86
C MET B 530 -1.06 22.88 -28.50
N ASN B 531 -1.05 22.89 -29.84
CA ASN B 531 0.15 23.26 -30.57
C ASN B 531 0.67 24.62 -30.08
N PRO B 532 1.95 24.67 -29.63
CA PRO B 532 2.53 25.89 -29.05
C PRO B 532 2.29 27.14 -29.89
N ASN B 533 2.34 27.02 -31.21
CA ASN B 533 2.11 28.15 -32.11
C ASN B 533 0.76 28.79 -31.82
N VAL B 534 -0.21 27.94 -31.49
CA VAL B 534 -1.58 28.39 -31.24
C VAL B 534 -1.62 29.18 -29.94
N LEU B 535 -0.82 28.75 -28.97
CA LEU B 535 -0.73 29.44 -27.69
C LEU B 535 0.00 30.77 -27.86
N MET B 536 1.01 30.77 -28.73
CA MET B 536 1.82 31.95 -28.98
C MET B 536 1.06 32.97 -29.81
N GLU B 537 0.31 32.51 -30.81
CA GLU B 537 -0.48 33.42 -31.64
C GLU B 537 -1.59 34.05 -30.79
N HIS B 538 -1.93 33.38 -29.70
CA HIS B 538 -2.90 33.91 -28.74
C HIS B 538 -2.22 34.81 -27.71
N GLY B 539 -0.89 34.91 -27.79
CA GLY B 539 -0.14 35.85 -26.98
C GLY B 539 0.42 35.25 -25.70
N VAL B 540 0.50 33.93 -25.64
CA VAL B 540 1.04 33.25 -24.47
C VAL B 540 2.53 32.98 -24.65
N PRO B 541 3.37 33.34 -23.65
CA PRO B 541 4.79 33.00 -23.77
C PRO B 541 4.99 31.48 -23.79
N VAL B 542 5.72 30.97 -24.78
CA VAL B 542 6.04 29.54 -24.82
C VAL B 542 7.51 29.34 -25.19
N TYR B 543 8.25 28.74 -24.27
CA TYR B 543 9.64 28.41 -24.51
C TYR B 543 9.79 26.90 -24.66
N ARG B 544 11.01 26.43 -24.86
CA ARG B 544 11.25 25.02 -25.12
C ARG B 544 12.71 24.65 -24.92
N THR B 545 13.02 23.36 -25.10
CA THR B 545 14.38 22.88 -25.04
C THR B 545 14.49 21.38 -25.32
N ASN B 546 15.71 20.95 -25.62
CA ASN B 546 16.04 19.53 -25.73
C ASN B 546 16.82 19.09 -24.50
N GLN B 547 16.19 18.27 -23.65
CA GLN B 547 16.91 17.67 -22.53
C GLN B 547 17.73 16.51 -23.06
N CYS B 548 19.02 16.53 -22.79
CA CYS B 548 19.94 15.51 -23.30
C CYS B 548 20.44 14.71 -22.11
N ALA B 549 20.87 13.47 -22.36
CA ALA B 549 21.23 12.54 -21.30
C ALA B 549 22.24 13.17 -20.33
N GLY B 550 21.90 13.12 -19.05
CA GLY B 550 22.76 13.65 -18.00
C GLY B 550 22.49 15.11 -17.68
N GLU B 551 21.33 15.62 -18.10
CA GLU B 551 20.96 17.01 -17.88
C GLU B 551 19.62 17.16 -17.16
N PHE B 552 19.60 18.02 -16.16
CA PHE B 552 18.40 18.30 -15.38
C PHE B 552 17.43 19.25 -16.08
N VAL B 553 16.15 19.16 -15.70
CA VAL B 553 15.16 20.16 -16.06
C VAL B 553 14.37 20.52 -14.81
N VAL B 554 14.18 21.81 -14.59
CA VAL B 554 13.45 22.29 -13.42
C VAL B 554 12.14 22.96 -13.85
N THR B 555 11.08 22.62 -13.13
CA THR B 555 9.76 23.20 -13.35
C THR B 555 9.38 24.01 -12.12
N PHE B 556 8.97 25.26 -12.35
CA PHE B 556 8.59 26.18 -11.28
C PHE B 556 7.09 26.16 -10.96
N PRO B 557 6.70 26.69 -9.79
CA PRO B 557 5.28 26.66 -9.37
C PRO B 557 4.33 27.20 -10.42
N ARG B 558 3.33 26.40 -10.74
CA ARG B 558 2.29 26.76 -11.70
C ARG B 558 2.85 27.06 -13.10
N ALA B 559 3.98 26.44 -13.44
CA ALA B 559 4.51 26.52 -14.80
C ALA B 559 3.98 25.34 -15.60
N TYR B 560 3.12 25.62 -16.58
CA TYR B 560 2.55 24.58 -17.41
C TYR B 560 3.64 23.98 -18.29
N HIS B 561 3.65 22.64 -18.40
CA HIS B 561 4.67 21.98 -19.19
C HIS B 561 4.13 20.73 -19.89
N SER B 562 4.77 20.41 -21.02
CA SER B 562 4.43 19.23 -21.80
C SER B 562 5.66 18.91 -22.65
N GLY B 563 5.56 17.89 -23.49
CA GLY B 563 6.66 17.55 -24.37
C GLY B 563 6.63 16.10 -24.82
N PHE B 564 7.73 15.66 -25.41
CA PHE B 564 7.87 14.27 -25.85
C PHE B 564 9.33 13.83 -25.84
N ASN B 565 9.56 12.57 -26.17
CA ASN B 565 10.90 11.99 -26.19
C ASN B 565 11.39 11.80 -27.62
N GLN B 566 12.68 12.03 -27.84
CA GLN B 566 13.27 11.90 -29.17
C GLN B 566 13.39 10.44 -29.57
N GLY B 567 13.61 9.58 -28.58
CA GLY B 567 13.82 8.17 -28.81
C GLY B 567 13.79 7.38 -27.52
N TYR B 568 14.29 6.15 -27.57
CA TYR B 568 14.36 5.30 -26.38
C TYR B 568 15.17 6.00 -25.30
N ASN B 569 14.57 6.16 -24.12
CA ASN B 569 15.26 6.79 -23.02
C ASN B 569 14.61 6.54 -21.66
N PHE B 570 15.24 7.06 -20.62
CA PHE B 570 14.84 6.79 -19.25
C PHE B 570 15.09 8.04 -18.41
N ALA B 571 14.13 8.39 -17.57
CA ALA B 571 14.25 9.59 -16.74
C ALA B 571 13.65 9.36 -15.35
N GLU B 572 13.99 10.25 -14.42
CA GLU B 572 13.52 10.17 -13.05
C GLU B 572 13.16 11.57 -12.56
N ALA B 573 11.99 11.71 -11.96
CA ALA B 573 11.49 13.03 -11.55
C ALA B 573 10.74 13.02 -10.23
N VAL B 574 10.97 14.06 -9.44
CA VAL B 574 10.27 14.28 -8.18
C VAL B 574 9.57 15.62 -8.27
N ASN B 575 8.83 15.96 -7.21
CA ASN B 575 8.41 17.34 -6.97
C ASN B 575 9.10 17.80 -5.71
N PHE B 576 8.91 19.08 -5.37
CA PHE B 576 9.44 19.61 -4.11
C PHE B 576 8.89 21.01 -3.85
N CYS B 577 9.27 21.58 -2.72
CA CYS B 577 8.81 22.90 -2.32
C CYS B 577 9.89 23.64 -1.55
N THR B 578 9.77 24.96 -1.50
CA THR B 578 10.73 25.81 -0.83
C THR B 578 9.99 26.93 -0.13
N ALA B 579 10.73 27.82 0.53
CA ALA B 579 10.14 28.95 1.26
C ALA B 579 9.26 29.80 0.36
N ASP B 580 9.82 30.23 -0.76
CA ASP B 580 9.13 31.12 -1.69
C ASP B 580 7.79 30.56 -2.13
N TRP B 581 7.66 29.24 -2.13
CA TRP B 581 6.45 28.57 -2.61
C TRP B 581 5.28 28.66 -1.64
N LEU B 582 5.59 28.77 -0.34
CA LEU B 582 4.57 28.73 0.72
C LEU B 582 3.31 29.56 0.42
N PRO B 583 3.50 30.85 0.07
CA PRO B 583 2.32 31.64 -0.31
C PRO B 583 1.59 31.11 -1.54
N ILE B 584 2.34 30.62 -2.52
CA ILE B 584 1.74 30.06 -3.74
C ILE B 584 0.95 28.81 -3.39
N GLY B 585 1.50 28.02 -2.47
CA GLY B 585 0.85 26.79 -2.03
C GLY B 585 -0.43 27.07 -1.29
N ARG B 586 -0.47 28.19 -0.56
CA ARG B 586 -1.69 28.63 0.10
C ARG B 586 -2.68 29.11 -0.96
N GLN B 587 -2.21 29.97 -1.85
CA GLN B 587 -3.00 30.47 -2.96
C GLN B 587 -3.49 29.32 -3.85
N CYS B 588 -2.79 28.19 -3.77
CA CYS B 588 -3.13 27.03 -4.58
C CYS B 588 -4.36 26.30 -4.05
N VAL B 589 -4.46 26.18 -2.73
CA VAL B 589 -5.60 25.53 -2.10
C VAL B 589 -6.88 26.28 -2.42
N ASN B 590 -6.83 27.61 -2.26
CA ASN B 590 -7.98 28.47 -2.49
C ASN B 590 -8.57 28.24 -3.88
N HIS B 591 -7.69 27.98 -4.85
CA HIS B 591 -8.14 27.70 -6.21
C HIS B 591 -8.74 26.29 -6.28
N TYR B 592 -8.10 25.34 -5.60
CA TYR B 592 -8.62 23.97 -5.51
C TYR B 592 -9.93 23.95 -4.73
N ARG B 593 -10.05 24.87 -3.77
CA ARG B 593 -11.28 25.00 -2.99
C ARG B 593 -12.39 25.61 -3.84
N ARG B 594 -12.01 26.51 -4.74
CA ARG B 594 -12.98 27.19 -5.59
C ARG B 594 -13.42 26.29 -6.74
N LEU B 595 -12.51 25.44 -7.22
CA LEU B 595 -12.91 24.28 -8.00
C LEU B 595 -13.46 23.30 -6.97
N ARG B 596 -13.92 22.14 -7.41
CA ARG B 596 -14.11 21.05 -6.48
C ARG B 596 -13.02 20.04 -6.81
N ARG B 597 -11.99 20.06 -5.96
CA ARG B 597 -10.74 19.39 -6.24
C ARG B 597 -10.19 18.78 -4.95
N HIS B 598 -9.95 17.48 -4.96
CA HIS B 598 -9.38 16.81 -3.79
C HIS B 598 -7.92 17.20 -3.62
N CYS B 599 -7.56 17.56 -2.39
CA CYS B 599 -6.22 18.05 -2.08
C CYS B 599 -5.36 16.92 -1.55
N VAL B 600 -4.17 16.75 -2.11
CA VAL B 600 -3.31 15.63 -1.76
C VAL B 600 -2.77 15.73 -0.34
N PHE B 601 -2.92 16.90 0.27
CA PHE B 601 -2.68 17.07 1.70
C PHE B 601 -3.24 18.40 2.19
N SER B 602 -3.07 18.66 3.49
CA SER B 602 -3.52 19.91 4.09
C SER B 602 -2.35 20.89 4.14
N HIS B 603 -2.45 21.96 3.37
CA HIS B 603 -1.39 22.95 3.28
C HIS B 603 -1.18 23.62 4.64
N GLU B 604 -2.28 23.93 5.31
CA GLU B 604 -2.23 24.60 6.59
C GLU B 604 -1.66 23.68 7.67
N GLU B 605 -1.98 22.39 7.57
CA GLU B 605 -1.40 21.39 8.48
C GLU B 605 0.11 21.40 8.37
N LEU B 606 0.59 21.43 7.13
CA LEU B 606 2.02 21.45 6.84
C LEU B 606 2.69 22.57 7.60
N ILE B 607 2.13 23.77 7.50
CA ILE B 607 2.69 24.98 8.10
C ILE B 607 2.96 24.81 9.60
N PHE B 608 2.02 24.21 10.31
CA PHE B 608 2.15 24.05 11.75
C PHE B 608 3.15 22.97 12.12
N LYS B 609 3.25 21.94 11.29
CA LYS B 609 4.24 20.88 11.51
C LYS B 609 5.65 21.45 11.43
N MET B 610 5.80 22.52 10.65
CA MET B 610 7.06 23.25 10.57
C MET B 610 7.21 24.16 11.78
N ALA B 611 6.12 24.82 12.15
CA ALA B 611 6.12 25.78 13.25
C ALA B 611 6.33 25.10 14.60
N ALA B 612 6.09 23.79 14.64
CA ALA B 612 6.17 23.02 15.88
C ALA B 612 7.59 22.53 16.15
N ASP B 613 8.51 22.78 15.22
CA ASP B 613 9.92 22.50 15.43
C ASP B 613 10.75 23.62 14.82
N PRO B 614 10.67 24.83 15.41
CA PRO B 614 11.32 26.03 14.86
C PRO B 614 12.83 25.86 14.65
N GLU B 615 13.51 25.24 15.60
CA GLU B 615 14.96 25.03 15.48
C GLU B 615 15.28 23.96 14.44
N CYS B 616 16.52 24.00 13.95
CA CYS B 616 17.00 23.11 12.88
C CYS B 616 16.15 23.26 11.62
N LEU B 617 15.48 24.40 11.51
CA LEU B 617 14.66 24.73 10.36
C LEU B 617 15.37 25.86 9.64
N ASP B 618 15.50 25.75 8.32
CA ASP B 618 16.18 26.78 7.55
C ASP B 618 15.51 28.13 7.81
N VAL B 619 16.31 29.11 8.21
CA VAL B 619 15.82 30.41 8.65
C VAL B 619 14.91 31.08 7.63
N GLY B 620 15.12 30.78 6.35
CA GLY B 620 14.31 31.34 5.29
C GLY B 620 12.86 30.89 5.41
N LEU B 621 12.67 29.62 5.76
CA LEU B 621 11.34 29.08 5.99
C LEU B 621 10.69 29.81 7.16
N ALA B 622 11.42 29.86 8.28
CA ALA B 622 10.95 30.50 9.50
C ALA B 622 10.42 31.91 9.23
N ALA B 623 11.20 32.69 8.47
CA ALA B 623 10.84 34.06 8.13
C ALA B 623 9.53 34.08 7.32
N MET B 624 9.48 33.27 6.27
CA MET B 624 8.30 33.19 5.41
C MET B 624 7.08 32.73 6.19
N VAL B 625 7.28 31.77 7.08
CA VAL B 625 6.19 31.18 7.86
C VAL B 625 5.50 32.24 8.72
N CYS B 626 6.28 33.14 9.31
CA CYS B 626 5.72 34.24 10.09
C CYS B 626 4.78 35.07 9.21
N LYS B 627 5.25 35.43 8.03
CA LYS B 627 4.47 36.22 7.09
C LYS B 627 3.23 35.46 6.63
N GLU B 628 3.38 34.17 6.44
CA GLU B 628 2.29 33.32 5.93
C GLU B 628 1.28 32.97 7.01
N LEU B 629 1.77 32.70 8.21
CA LEU B 629 0.92 32.19 9.29
C LEU B 629 0.00 33.28 9.85
N THR B 630 0.52 34.49 9.99
CA THR B 630 -0.28 35.60 10.51
C THR B 630 -1.44 35.91 9.58
N LEU B 631 -1.27 35.62 8.30
CA LEU B 631 -2.33 35.80 7.31
C LEU B 631 -3.48 34.86 7.60
N MET B 632 -3.14 33.65 8.05
CA MET B 632 -4.12 32.61 8.33
C MET B 632 -4.81 32.79 9.69
N THR B 633 -4.04 33.20 10.69
CA THR B 633 -4.61 33.47 12.01
C THR B 633 -5.70 34.54 11.90
N GLU B 634 -5.41 35.57 11.11
CA GLU B 634 -6.39 36.61 10.80
C GLU B 634 -7.59 35.99 10.11
N GLU B 635 -7.34 35.31 9.01
CA GLU B 635 -8.39 34.74 8.17
C GLU B 635 -9.24 33.74 8.93
N GLU B 636 -8.61 32.97 9.82
CA GLU B 636 -9.31 31.94 10.58
C GLU B 636 -10.21 32.56 11.64
N THR B 637 -9.65 33.51 12.40
CA THR B 637 -10.38 34.19 13.45
C THR B 637 -11.61 34.87 12.87
N ARG B 638 -11.49 35.36 11.64
CA ARG B 638 -12.63 35.92 10.92
C ARG B 638 -13.68 34.86 10.69
N LEU B 639 -13.23 33.69 10.22
CA LEU B 639 -14.12 32.56 9.97
C LEU B 639 -14.70 32.01 11.26
N ARG B 640 -13.95 32.13 12.34
CA ARG B 640 -14.37 31.60 13.63
C ARG B 640 -15.45 32.47 14.29
N GLU B 641 -15.31 33.78 14.13
CA GLU B 641 -16.28 34.72 14.65
C GLU B 641 -17.48 34.84 13.72
N SER B 642 -17.25 34.60 12.43
CA SER B 642 -18.31 34.66 11.44
C SER B 642 -19.40 33.63 11.73
N VAL B 643 -19.00 32.48 12.26
CA VAL B 643 -19.92 31.35 12.40
C VAL B 643 -20.76 31.37 13.68
N VAL B 644 -20.36 32.15 14.69
CA VAL B 644 -21.13 32.21 15.93
C VAL B 644 -22.37 33.07 15.72
N GLN B 645 -22.24 34.08 14.85
CA GLN B 645 -23.39 34.87 14.43
C GLN B 645 -24.44 33.96 13.83
N MET B 646 -23.98 32.99 13.04
CA MET B 646 -24.87 32.07 12.36
C MET B 646 -25.70 31.25 13.36
N GLY B 647 -25.24 31.21 14.62
CA GLY B 647 -26.00 30.62 15.70
C GLY B 647 -25.54 29.30 16.27
N VAL B 648 -24.35 28.83 15.88
CA VAL B 648 -23.78 27.65 16.53
C VAL B 648 -23.28 28.02 17.92
N LEU B 649 -23.26 27.06 18.83
CA LEU B 649 -22.99 27.33 20.24
C LEU B 649 -21.81 26.50 20.77
N MET B 650 -22.00 25.19 20.82
CA MET B 650 -20.95 24.31 21.32
C MET B 650 -19.72 24.39 20.43
N SER B 651 -18.54 24.23 21.04
CA SER B 651 -17.31 24.08 20.29
C SER B 651 -16.55 22.85 20.81
N GLU B 652 -16.47 21.82 19.98
CA GLU B 652 -15.72 20.62 20.34
C GLU B 652 -14.27 20.85 19.93
N GLU B 653 -13.39 19.92 20.29
CA GLU B 653 -11.98 20.00 19.94
C GLU B 653 -11.51 18.64 19.46
N GLU B 654 -11.01 18.58 18.23
CA GLU B 654 -10.55 17.33 17.63
C GLU B 654 -9.17 17.49 17.01
N VAL B 655 -8.49 16.36 16.83
CA VAL B 655 -7.19 16.32 16.16
C VAL B 655 -7.40 15.83 14.73
N PHE B 656 -7.22 16.73 13.76
CA PHE B 656 -7.58 16.45 12.38
C PHE B 656 -6.54 15.62 11.63
N GLU B 657 -5.27 15.79 11.97
CA GLU B 657 -4.19 15.11 11.25
C GLU B 657 -4.25 13.60 11.45
N LEU B 658 -4.88 13.17 12.54
CA LEU B 658 -4.95 11.74 12.87
C LEU B 658 -6.12 11.03 12.18
N VAL B 659 -7.08 11.79 11.68
CA VAL B 659 -8.20 11.21 10.93
C VAL B 659 -7.83 11.21 9.44
N PRO B 660 -8.23 10.14 8.73
CA PRO B 660 -7.84 10.01 7.31
C PRO B 660 -8.36 11.17 6.45
N ASP B 661 -7.62 11.50 5.40
CA ASP B 661 -7.93 12.64 4.53
C ASP B 661 -9.38 12.68 4.07
N ASP B 662 -9.89 11.54 3.61
CA ASP B 662 -11.24 11.48 3.04
C ASP B 662 -12.34 11.72 4.06
N GLU B 663 -12.04 11.49 5.33
CA GLU B 663 -13.01 11.73 6.40
C GLU B 663 -13.08 13.21 6.80
N ARG B 664 -11.95 13.90 6.71
CA ARG B 664 -11.87 15.29 7.15
C ARG B 664 -12.14 16.30 6.04
N GLN B 665 -12.55 15.81 4.86
CA GLN B 665 -12.86 16.71 3.75
C GLN B 665 -14.15 17.46 4.04
N CYS B 666 -14.52 18.36 3.13
CA CYS B 666 -15.68 19.23 3.32
C CYS B 666 -16.77 18.85 2.32
N SER B 667 -18.02 18.85 2.80
CA SER B 667 -19.13 18.23 2.06
C SER B 667 -19.17 18.64 0.59
N ALA B 668 -19.15 19.93 0.33
CA ALA B 668 -18.75 20.42 -0.98
C ALA B 668 -17.69 21.48 -0.83
N CYS B 669 -16.45 21.12 -1.15
CA CYS B 669 -15.36 22.06 -1.29
C CYS B 669 -14.55 21.74 -2.55
N ARG B 670 -13.85 20.59 -2.61
CA ARG B 670 -13.73 19.59 -1.54
C ARG B 670 -12.31 19.63 -1.00
N THR B 671 -12.14 20.06 0.25
CA THR B 671 -10.82 20.34 0.80
C THR B 671 -10.58 19.65 2.13
N THR B 672 -9.33 19.24 2.36
CA THR B 672 -8.95 18.60 3.60
C THR B 672 -8.88 19.64 4.71
N CYS B 673 -9.67 19.43 5.75
CA CYS B 673 -9.79 20.39 6.84
C CYS B 673 -8.81 20.07 7.96
N PHE B 674 -8.20 21.10 8.52
CA PHE B 674 -7.27 20.97 9.64
C PHE B 674 -7.61 21.93 10.76
N LEU B 675 -7.52 23.22 10.47
CA LEU B 675 -7.73 24.26 11.47
C LEU B 675 -9.11 24.20 12.11
N SER B 676 -10.13 23.90 11.31
CA SER B 676 -11.50 23.92 11.80
C SER B 676 -12.48 23.47 10.73
N ALA B 677 -13.68 23.13 11.17
CA ALA B 677 -14.77 22.74 10.29
C ALA B 677 -16.05 22.71 11.12
N LEU B 678 -17.17 22.37 10.49
CA LEU B 678 -18.46 22.43 11.16
C LEU B 678 -19.22 21.11 11.08
N THR B 679 -19.71 20.65 12.23
CA THR B 679 -20.47 19.42 12.31
C THR B 679 -21.81 19.65 13.01
N CYS B 680 -22.89 19.20 12.37
CA CYS B 680 -24.20 19.16 13.01
C CYS B 680 -24.61 17.71 13.15
N SER B 681 -25.79 17.47 13.74
CA SER B 681 -26.19 16.12 14.11
C SER B 681 -26.95 15.39 12.99
N CYS B 682 -27.07 16.01 11.83
CA CYS B 682 -27.72 15.38 10.68
C CYS B 682 -26.97 14.13 10.25
N ASN B 683 -25.66 14.11 10.53
CA ASN B 683 -24.82 12.96 10.21
C ASN B 683 -23.83 12.67 11.33
N PRO B 684 -23.53 11.38 11.59
CA PRO B 684 -22.51 11.09 12.60
C PRO B 684 -21.16 11.65 12.17
N GLU B 685 -20.77 11.34 10.94
CA GLU B 685 -19.67 12.04 10.30
C GLU B 685 -20.03 12.46 8.88
N ARG B 686 -20.22 13.76 8.72
CA ARG B 686 -20.15 14.41 7.42
C ARG B 686 -19.74 15.83 7.79
N LEU B 687 -18.93 16.45 6.96
CA LEU B 687 -18.24 17.67 7.38
C LEU B 687 -18.25 18.74 6.31
N VAL B 688 -18.11 19.98 6.76
CA VAL B 688 -17.99 21.11 5.86
C VAL B 688 -17.02 22.12 6.46
N CYS B 689 -16.13 22.65 5.62
CA CYS B 689 -15.17 23.65 6.08
C CYS B 689 -15.89 24.97 6.30
N LEU B 690 -15.28 25.86 7.08
CA LEU B 690 -15.93 27.11 7.47
C LEU B 690 -16.18 28.04 6.28
N TYR B 691 -15.65 27.68 5.12
CA TYR B 691 -15.90 28.44 3.90
C TYR B 691 -17.25 28.07 3.28
N HIS B 692 -17.83 26.94 3.72
CA HIS B 692 -19.15 26.54 3.25
C HIS B 692 -19.99 25.95 4.40
N PRO B 693 -20.26 26.75 5.43
CA PRO B 693 -20.94 26.27 6.63
C PRO B 693 -22.40 25.86 6.39
N THR B 694 -23.06 26.54 5.46
CA THR B 694 -24.50 26.37 5.24
C THR B 694 -24.85 25.05 4.56
N ASP B 695 -23.86 24.44 3.90
CA ASP B 695 -24.10 23.26 3.08
C ASP B 695 -23.89 21.96 3.85
N LEU B 696 -23.61 22.07 5.15
CA LEU B 696 -23.44 20.91 6.00
C LEU B 696 -24.72 20.08 5.98
N CYS B 697 -25.82 20.71 6.39
CA CYS B 697 -27.11 20.04 6.45
C CYS B 697 -28.19 21.04 6.88
N PRO B 698 -29.46 20.78 6.51
CA PRO B 698 -30.57 21.71 6.75
C PRO B 698 -30.85 22.03 8.22
N CYS B 699 -30.34 21.24 9.16
CA CYS B 699 -30.55 21.53 10.58
C CYS B 699 -30.10 22.95 10.82
N PRO B 700 -30.95 23.77 11.45
CA PRO B 700 -30.57 25.18 11.66
C PRO B 700 -29.28 25.24 12.47
N MET B 701 -28.56 26.35 12.41
CA MET B 701 -27.30 26.48 13.14
C MET B 701 -27.53 25.94 14.54
N GLN B 702 -28.43 26.58 15.28
CA GLN B 702 -29.07 25.94 16.43
C GLN B 702 -28.04 25.35 17.37
N LYS B 703 -28.01 24.03 17.48
CA LYS B 703 -27.06 23.37 18.36
C LYS B 703 -25.78 23.02 17.61
N LYS B 704 -24.73 23.77 17.94
CA LYS B 704 -23.35 23.47 17.57
C LYS B 704 -23.15 23.19 16.07
N CYS B 705 -22.16 22.37 15.69
CA CYS B 705 -20.92 22.17 16.45
C CYS B 705 -19.71 22.62 15.65
N LEU B 706 -18.93 23.52 16.23
CA LEU B 706 -17.66 23.93 15.66
C LEU B 706 -16.58 23.03 16.24
N ARG B 707 -16.02 22.17 15.39
CA ARG B 707 -14.87 21.37 15.79
C ARG B 707 -13.63 22.12 15.37
N TYR B 708 -12.89 22.60 16.37
CA TYR B 708 -11.69 23.39 16.10
C TYR B 708 -10.47 22.57 16.49
N ARG B 709 -9.30 23.17 16.28
CA ARG B 709 -8.04 22.50 16.54
C ARG B 709 -7.33 23.19 17.70
N TYR B 710 -7.03 24.48 17.54
CA TYR B 710 -6.44 25.27 18.62
C TYR B 710 -7.43 26.34 19.07
N PRO B 711 -7.43 26.65 20.38
CA PRO B 711 -8.40 27.54 21.05
C PRO B 711 -8.29 29.04 20.72
N LEU B 712 -7.24 29.46 20.00
CA LEU B 712 -6.77 30.86 19.91
C LEU B 712 -5.72 31.19 20.97
N GLU B 713 -5.42 30.23 21.83
CA GLU B 713 -4.20 30.30 22.64
C GLU B 713 -2.98 30.06 21.74
N ASP B 714 -3.23 29.71 20.49
CA ASP B 714 -2.17 29.37 19.53
C ASP B 714 -1.35 30.59 19.12
N LEU B 715 -2.02 31.72 18.95
CA LEU B 715 -1.38 32.93 18.42
C LEU B 715 -0.12 33.30 19.20
N PRO B 716 -0.21 33.41 20.53
CA PRO B 716 1.03 33.68 21.26
C PRO B 716 2.04 32.55 21.15
N SER B 717 1.59 31.31 21.28
CA SER B 717 2.49 30.14 21.33
C SER B 717 3.35 29.95 20.08
N LEU B 718 2.70 29.59 18.97
CA LEU B 718 3.42 29.10 17.78
C LEU B 718 4.12 30.21 16.98
N LEU B 719 3.50 31.38 16.91
CA LEU B 719 4.14 32.51 16.24
C LEU B 719 5.39 32.96 16.99
N TYR B 720 5.54 32.47 18.22
CA TYR B 720 6.70 32.80 19.03
C TYR B 720 7.92 32.05 18.51
N GLY B 721 7.89 30.73 18.66
CA GLY B 721 9.02 29.88 18.31
C GLY B 721 9.56 30.13 16.92
N VAL B 722 8.67 30.40 15.97
CA VAL B 722 9.08 30.68 14.61
C VAL B 722 9.64 32.10 14.50
N LYS B 723 9.01 33.04 15.20
CA LYS B 723 9.49 34.42 15.22
C LYS B 723 10.81 34.51 15.95
N VAL B 724 11.02 33.61 16.92
CA VAL B 724 12.29 33.53 17.63
C VAL B 724 13.43 33.33 16.65
N ARG B 725 13.45 32.15 16.01
CA ARG B 725 14.53 31.80 15.10
C ARG B 725 14.51 32.70 13.87
N ALA B 726 13.36 33.29 13.57
CA ALA B 726 13.26 34.23 12.47
C ALA B 726 14.03 35.51 12.82
N GLN B 727 13.76 36.03 14.01
CA GLN B 727 14.38 37.28 14.47
C GLN B 727 15.62 37.02 15.33
N SER B 728 15.98 35.76 15.53
CA SER B 728 17.26 35.41 16.13
C SER B 728 18.33 35.62 15.08
N TYR B 729 17.97 35.33 13.83
CA TYR B 729 18.88 35.49 12.71
C TYR B 729 18.95 36.94 12.25
N ASP B 730 17.85 37.66 12.42
CA ASP B 730 17.78 39.08 12.04
C ASP B 730 18.73 39.91 12.90
N THR B 731 18.81 39.58 14.18
CA THR B 731 19.68 40.29 15.11
C THR B 731 21.12 39.78 14.98
N TRP B 732 21.27 38.47 14.82
CA TRP B 732 22.59 37.84 14.76
C TRP B 732 23.45 38.43 13.65
N VAL B 733 22.82 38.83 12.55
CA VAL B 733 23.54 39.41 11.42
C VAL B 733 23.89 40.87 11.68
N SER B 734 22.97 41.61 12.27
CA SER B 734 23.18 43.04 12.54
C SER B 734 24.15 43.23 13.71
N VAL B 755 32.57 33.41 18.95
CA VAL B 755 31.38 32.86 19.56
C VAL B 755 30.15 33.20 18.72
N MET B 756 30.25 34.26 17.91
CA MET B 756 29.18 34.60 16.99
C MET B 756 29.19 33.66 15.79
N LEU B 757 30.39 33.25 15.39
CA LEU B 757 30.54 32.22 14.37
C LEU B 757 30.27 30.84 14.96
N GLU B 758 30.16 30.78 16.28
CA GLU B 758 29.80 29.56 17.00
C GLU B 758 28.28 29.36 16.94
N ASP B 759 27.54 30.34 17.46
CA ASP B 759 26.08 30.29 17.49
C ASP B 759 25.49 29.91 16.14
N ALA B 760 26.14 30.33 15.06
CA ALA B 760 25.69 29.99 13.72
C ALA B 760 25.75 28.48 13.51
N GLU B 761 26.83 27.86 13.97
CA GLU B 761 27.02 26.42 13.85
C GLU B 761 26.05 25.69 14.77
N ASP B 762 25.85 26.23 15.96
CA ASP B 762 24.96 25.62 16.95
C ASP B 762 23.51 25.69 16.49
N ARG B 763 23.11 26.83 15.96
CA ARG B 763 21.75 27.06 15.51
C ARG B 763 21.56 26.59 14.07
N LYS B 764 22.64 26.11 13.47
CA LYS B 764 22.61 25.65 12.08
C LYS B 764 22.11 26.74 11.14
N TYR B 765 22.87 27.84 11.08
CA TYR B 765 22.58 28.91 10.13
C TYR B 765 23.20 28.58 8.78
N PRO B 766 22.71 29.20 7.70
CA PRO B 766 23.36 29.03 6.40
C PRO B 766 24.57 29.95 6.30
N GLU B 767 25.37 29.83 5.24
CA GLU B 767 26.54 30.69 5.12
C GLU B 767 26.71 31.47 3.82
N ASN B 768 27.29 30.80 2.82
CA ASN B 768 27.80 31.47 1.62
C ASN B 768 28.59 32.71 2.07
N ASP B 769 28.51 33.78 1.28
CA ASP B 769 28.31 35.14 1.81
C ASP B 769 29.06 35.46 3.12
N LEU B 770 28.28 35.78 4.15
CA LEU B 770 28.76 36.18 5.48
C LEU B 770 29.89 35.32 6.06
N PHE B 771 29.75 33.99 5.99
CA PHE B 771 30.75 33.09 6.54
C PHE B 771 32.11 33.25 5.83
N ARG B 772 32.10 33.87 4.65
CA ARG B 772 33.33 34.10 3.91
C ARG B 772 34.15 35.21 4.56
N LYS B 773 33.46 36.22 5.08
CA LYS B 773 34.10 37.32 5.78
C LYS B 773 34.80 36.84 7.04
N LEU B 774 34.23 35.82 7.66
CA LEU B 774 34.78 35.24 8.88
C LEU B 774 36.21 34.75 8.69
N ARG B 775 36.37 33.71 7.88
CA ARG B 775 37.68 33.11 7.64
C ARG B 775 38.62 34.10 6.97
N UNK C 1 -18.96 4.68 18.57
CA UNK C 1 -17.88 5.61 18.18
C UNK C 1 -16.89 5.03 17.10
N UNK C 2 -17.33 4.03 16.34
CA UNK C 2 -16.47 3.38 15.32
C UNK C 2 -16.04 4.29 14.12
N UNK C 3 -16.15 5.61 14.28
CA UNK C 3 -15.72 6.56 13.24
C UNK C 3 -14.59 7.54 13.72
N UNK C 4 -13.45 7.56 13.01
CA UNK C 4 -12.32 8.44 13.37
C UNK C 4 -12.71 9.96 13.60
N UNK C 5 -13.64 10.48 12.81
CA UNK C 5 -14.14 11.85 12.99
C UNK C 5 -14.81 12.10 14.39
N UNK C 6 -15.16 11.01 15.10
CA UNK C 6 -15.67 11.10 16.48
C UNK C 6 -14.73 10.41 17.53
N UNK C 7 -14.18 9.25 17.17
CA UNK C 7 -13.23 8.53 18.05
C UNK C 7 -12.01 9.40 18.52
N UNK C 8 -11.49 10.25 17.63
CA UNK C 8 -10.42 11.19 17.99
C UNK C 8 -10.95 12.62 18.35
N UNK C 9 -12.27 12.78 18.39
CA UNK C 9 -12.89 14.10 18.68
C UNK C 9 -13.14 14.42 20.18
N UNK C 10 -12.56 13.62 21.08
CA UNK C 10 -12.73 13.77 22.56
C UNK C 10 -13.05 15.22 23.09
N UNK D 1 -26.15 1.82 -7.26
CA UNK D 1 -25.08 0.86 -7.55
C UNK D 1 -23.66 1.32 -7.08
N UNK D 2 -23.60 2.26 -6.15
CA UNK D 2 -22.31 2.75 -5.63
C UNK D 2 -21.48 1.68 -4.84
N UNK D 3 -21.87 0.42 -4.94
CA UNK D 3 -21.14 -0.67 -4.29
C UNK D 3 -20.56 -1.74 -5.29
N UNK D 4 -19.26 -2.01 -5.22
CA UNK D 4 -18.64 -3.05 -6.06
C UNK D 4 -19.35 -4.44 -5.94
N UNK D 5 -19.95 -4.72 -4.78
CA UNK D 5 -20.83 -5.88 -4.64
C UNK D 5 -22.11 -5.77 -5.53
N UNK D 6 -22.36 -4.59 -6.09
CA UNK D 6 -23.46 -4.39 -7.03
C UNK D 6 -22.97 -4.11 -8.48
N UNK D 7 -22.03 -3.18 -8.64
CA UNK D 7 -21.43 -2.88 -9.95
C UNK D 7 -20.88 -4.13 -10.69
N UNK D 8 -20.24 -5.05 -9.95
CA UNK D 8 -19.80 -6.32 -10.51
C UNK D 8 -20.83 -7.48 -10.33
N UNK D 9 -22.05 -7.13 -9.92
CA UNK D 9 -23.09 -8.14 -9.64
C UNK D 9 -24.19 -8.29 -10.76
N UNK D 10 -23.84 -7.98 -12.01
CA UNK D 10 -24.81 -8.10 -13.13
C UNK D 10 -25.36 -9.55 -13.35
#